data_3DL3
#
_entry.id   3DL3
#
_cell.length_a   43.574
_cell.length_b   205.020
_cell.length_c   56.356
_cell.angle_alpha   90.00
_cell.angle_beta   110.21
_cell.angle_gamma   90.00
#
_symmetry.space_group_name_H-M   'P 1 21 1'
#
loop_
_entity.id
_entity.type
_entity.pdbx_description
1 polymer 'Tellurite resistance protein B'
2 water water
#
_entity_poly.entity_id   1
_entity_poly.type   'polypeptide(L)'
_entity_poly.pdbx_seq_one_letter_code
;(MSE)SHLRIPKNWTIQRSTPFFTKDNVPEALLTHHNTAVDVFGQICV(MSE)EGVVTYYGFANSEATEPEIKVVINAGQ
FATSPPQYWHRIELSDDAQFNINFWSDQDKSGKK(MSE)FNTKLEHHHHHH
;
_entity_poly.pdbx_strand_id   A,B,D,E,G,H,F,I
#
# COMPACT_ATOMS: atom_id res chain seq x y z
N ARG A 5 38.32 -19.56 -9.56
CA ARG A 5 38.52 -18.68 -8.38
C ARG A 5 38.10 -19.38 -7.09
N ILE A 6 36.98 -20.09 -7.12
CA ILE A 6 36.55 -20.80 -5.92
C ILE A 6 37.28 -22.14 -5.79
N PRO A 7 38.12 -22.28 -4.74
CA PRO A 7 38.90 -23.49 -4.47
C PRO A 7 38.05 -24.76 -4.51
N LYS A 8 38.58 -25.82 -5.12
CA LYS A 8 37.85 -27.07 -5.24
C LYS A 8 37.56 -27.78 -3.93
N ASN A 9 38.21 -27.37 -2.85
CA ASN A 9 38.03 -27.99 -1.54
C ASN A 9 37.07 -27.21 -0.64
N TRP A 10 36.53 -26.11 -1.17
CA TRP A 10 35.58 -25.31 -0.42
C TRP A 10 34.21 -25.93 -0.65
N THR A 11 33.28 -25.65 0.24
CA THR A 11 31.94 -26.19 0.14
C THR A 11 30.95 -25.10 0.50
N ILE A 12 29.68 -25.36 0.25
CA ILE A 12 28.64 -24.39 0.55
C ILE A 12 28.31 -24.39 2.04
N GLN A 13 28.52 -23.24 2.68
CA GLN A 13 28.25 -23.12 4.09
C GLN A 13 26.82 -22.66 4.32
N ARG A 14 26.34 -21.81 3.42
CA ARG A 14 24.98 -21.28 3.54
C ARG A 14 24.30 -21.08 2.18
N SER A 15 23.06 -21.53 2.07
CA SER A 15 22.27 -21.37 0.85
C SER A 15 20.96 -20.70 1.22
N THR A 16 20.70 -19.56 0.61
CA THR A 16 19.46 -18.84 0.87
C THR A 16 18.34 -19.53 0.10
N PRO A 17 17.09 -19.31 0.51
CA PRO A 17 15.99 -19.94 -0.23
C PRO A 17 15.75 -19.08 -1.48
N PHE A 18 14.70 -19.37 -2.24
CA PHE A 18 14.39 -18.59 -3.45
C PHE A 18 13.84 -17.22 -3.08
N PHE A 19 14.27 -16.20 -3.83
CA PHE A 19 13.78 -14.84 -3.61
C PHE A 19 13.19 -14.32 -4.92
N THR A 20 12.21 -13.43 -4.78
CA THR A 20 11.54 -12.79 -5.91
C THR A 20 11.41 -11.34 -5.48
N LYS A 21 10.68 -10.54 -6.23
CA LYS A 21 10.48 -9.13 -5.88
C LYS A 21 9.71 -8.97 -4.58
N ASP A 22 8.76 -9.87 -4.35
CA ASP A 22 7.91 -9.79 -3.15
C ASP A 22 8.55 -10.03 -1.80
N ASN A 23 9.57 -10.86 -1.73
CA ASN A 23 10.16 -11.13 -0.43
C ASN A 23 11.69 -11.04 -0.37
N VAL A 24 12.29 -10.41 -1.37
CA VAL A 24 13.74 -10.30 -1.40
C VAL A 24 14.29 -9.34 -0.31
N PRO A 25 15.23 -9.83 0.50
CA PRO A 25 15.81 -8.99 1.57
C PRO A 25 16.52 -7.81 0.92
N GLU A 26 16.10 -6.62 1.34
CA GLU A 26 16.65 -5.36 0.84
C GLU A 26 18.17 -5.38 0.86
N ALA A 27 18.75 -5.94 1.92
CA ALA A 27 20.21 -6.01 2.06
C ALA A 27 20.93 -6.74 0.91
N LEU A 28 20.29 -7.78 0.35
CA LEU A 28 20.93 -8.49 -0.75
C LEU A 28 21.08 -7.61 -2.00
N LEU A 29 20.15 -6.68 -2.19
CA LEU A 29 20.14 -5.79 -3.35
C LEU A 29 20.97 -4.52 -3.18
N THR A 30 21.46 -4.25 -1.98
CA THR A 30 22.23 -3.04 -1.80
C THR A 30 23.72 -3.21 -2.12
N HIS A 31 24.39 -2.08 -2.29
CA HIS A 31 25.81 -2.02 -2.60
C HIS A 31 26.53 -2.59 -1.41
N HIS A 32 27.27 -3.68 -1.61
CA HIS A 32 27.99 -4.30 -0.51
C HIS A 32 29.01 -5.33 -0.99
N ASN A 33 29.61 -6.05 -0.05
CA ASN A 33 30.59 -7.06 -0.38
C ASN A 33 30.48 -8.23 0.61
N THR A 34 31.10 -9.37 0.29
CA THR A 34 31.07 -10.52 1.19
C THR A 34 32.27 -10.47 2.13
N ALA A 35 32.32 -11.40 3.08
CA ALA A 35 33.41 -11.48 4.07
C ALA A 35 34.73 -11.87 3.43
N VAL A 36 35.77 -11.99 4.26
CA VAL A 36 37.12 -12.30 3.82
C VAL A 36 37.31 -13.60 3.02
N ASP A 37 36.66 -14.67 3.42
CA ASP A 37 36.81 -15.91 2.66
C ASP A 37 35.48 -16.52 2.28
N VAL A 38 34.68 -15.76 1.54
CA VAL A 38 33.37 -16.22 1.10
C VAL A 38 33.12 -15.83 -0.35
N PHE A 39 32.71 -16.81 -1.15
CA PHE A 39 32.38 -16.57 -2.54
C PHE A 39 30.86 -16.65 -2.56
N GLY A 40 30.22 -15.65 -3.16
CA GLY A 40 28.77 -15.66 -3.25
C GLY A 40 28.31 -16.04 -4.66
N GLN A 41 27.76 -17.23 -4.80
CA GLN A 41 27.27 -17.74 -6.09
C GLN A 41 25.79 -17.41 -6.27
N ILE A 42 25.49 -16.43 -7.12
CA ILE A 42 24.10 -16.03 -7.37
C ILE A 42 23.53 -16.81 -8.57
N CYS A 43 22.52 -17.66 -8.30
CA CYS A 43 21.86 -18.47 -9.31
C CYS A 43 20.48 -17.91 -9.65
N VAL A 44 20.24 -17.70 -10.93
CA VAL A 44 18.97 -17.18 -11.41
C VAL A 44 18.13 -18.32 -11.99
N GLU A 46 14.64 -17.84 -12.66
CA GLU A 46 13.68 -17.21 -13.56
C GLU A 46 13.98 -15.71 -13.65
N GLY A 47 13.64 -15.13 -14.80
CA GLY A 47 13.87 -13.71 -14.99
C GLY A 47 15.30 -13.34 -15.27
N VAL A 48 15.63 -12.10 -14.91
CA VAL A 48 16.95 -11.57 -15.15
C VAL A 48 17.47 -10.78 -13.95
N VAL A 49 18.72 -11.04 -13.61
CA VAL A 49 19.39 -10.35 -12.53
C VAL A 49 20.53 -9.56 -13.15
N THR A 50 20.52 -8.24 -12.97
CA THR A 50 21.58 -7.40 -13.50
C THR A 50 22.60 -7.24 -12.37
N TYR A 51 23.85 -7.53 -12.69
CA TYR A 51 24.93 -7.47 -11.71
C TYR A 51 25.89 -6.33 -12.03
N TYR A 52 26.22 -5.54 -11.00
CA TYR A 52 27.15 -4.42 -11.13
C TYR A 52 28.33 -4.72 -10.20
N GLY A 53 29.53 -4.65 -10.74
CA GLY A 53 30.71 -4.89 -9.94
C GLY A 53 31.53 -3.61 -9.89
N PHE A 54 32.18 -3.38 -8.75
CA PHE A 54 32.98 -2.18 -8.57
C PHE A 54 34.40 -2.54 -8.17
N ALA A 55 35.36 -1.79 -8.68
CA ALA A 55 36.77 -2.02 -8.40
C ALA A 55 37.13 -1.98 -6.94
N ASN A 56 36.54 -1.07 -6.18
CA ASN A 56 36.87 -1.00 -4.76
C ASN A 56 35.73 -0.34 -3.97
N SER A 57 35.94 -0.15 -2.67
CA SER A 57 34.92 0.42 -1.80
C SER A 57 34.47 1.84 -2.11
N GLU A 58 35.33 2.63 -2.73
CA GLU A 58 34.95 4.00 -3.04
C GLU A 58 34.47 4.20 -4.48
N ALA A 59 34.60 3.17 -5.31
CA ALA A 59 34.17 3.32 -6.70
C ALA A 59 32.64 3.42 -6.75
N THR A 60 32.11 4.43 -7.43
CA THR A 60 30.67 4.59 -7.53
C THR A 60 30.17 4.16 -8.90
N GLU A 61 31.10 4.12 -9.85
CA GLU A 61 30.81 3.68 -11.20
C GLU A 61 31.28 2.23 -11.30
N PRO A 62 30.40 1.31 -11.73
CA PRO A 62 30.75 -0.11 -11.86
C PRO A 62 31.81 -0.41 -12.94
N GLU A 63 32.70 -1.38 -12.66
CA GLU A 63 33.70 -1.75 -13.65
C GLU A 63 33.12 -2.88 -14.53
N ILE A 64 32.01 -3.46 -14.10
CA ILE A 64 31.35 -4.51 -14.85
C ILE A 64 29.84 -4.53 -14.61
N LYS A 65 29.08 -4.59 -15.70
CA LYS A 65 27.64 -4.66 -15.61
C LYS A 65 27.25 -5.83 -16.51
N VAL A 66 26.69 -6.89 -15.92
CA VAL A 66 26.30 -8.07 -16.68
C VAL A 66 24.92 -8.58 -16.29
N VAL A 67 24.11 -8.94 -17.29
CA VAL A 67 22.80 -9.50 -16.98
C VAL A 67 22.97 -11.01 -16.82
N ILE A 68 22.15 -11.60 -15.96
CA ILE A 68 22.23 -13.03 -15.72
C ILE A 68 20.85 -13.63 -15.92
N ASN A 69 20.77 -14.60 -16.82
CA ASN A 69 19.51 -15.24 -17.14
C ASN A 69 19.32 -16.59 -16.50
N ALA A 70 18.11 -17.10 -16.63
CA ALA A 70 17.73 -18.40 -16.11
C ALA A 70 18.75 -19.44 -16.57
N GLY A 71 19.13 -20.34 -15.67
CA GLY A 71 20.10 -21.35 -16.02
C GLY A 71 21.54 -20.89 -15.90
N GLN A 72 21.75 -19.65 -15.44
CA GLN A 72 23.11 -19.15 -15.27
C GLN A 72 23.37 -18.63 -13.85
N PHE A 73 24.64 -18.42 -13.54
CA PHE A 73 24.99 -17.91 -12.24
C PHE A 73 26.25 -17.04 -12.28
N ALA A 74 26.38 -16.16 -11.29
CA ALA A 74 27.54 -15.30 -11.21
C ALA A 74 28.09 -15.45 -9.81
N THR A 75 29.41 -15.52 -9.73
CA THR A 75 30.08 -15.67 -8.45
C THR A 75 30.81 -14.40 -8.07
N SER A 76 30.50 -13.85 -6.89
CA SER A 76 31.21 -12.66 -6.43
C SER A 76 32.33 -13.20 -5.57
N PRO A 77 33.57 -12.82 -5.87
CA PRO A 77 34.75 -13.26 -5.11
C PRO A 77 34.83 -12.51 -3.77
N PRO A 78 35.60 -13.04 -2.81
CA PRO A 78 35.76 -12.44 -1.47
C PRO A 78 36.00 -10.93 -1.42
N GLN A 79 35.16 -10.21 -0.66
CA GLN A 79 35.29 -8.77 -0.46
C GLN A 79 35.13 -7.91 -1.71
N TYR A 80 34.55 -8.49 -2.75
CA TYR A 80 34.35 -7.74 -3.97
C TYR A 80 33.03 -6.98 -3.83
N TRP A 81 33.07 -5.69 -4.17
CA TRP A 81 31.90 -4.81 -4.09
C TRP A 81 30.99 -4.90 -5.32
N HIS A 82 29.73 -5.16 -5.05
CA HIS A 82 28.73 -5.27 -6.12
C HIS A 82 27.33 -4.99 -5.60
N ARG A 83 26.39 -5.01 -6.54
CA ARG A 83 24.97 -4.84 -6.27
C ARG A 83 24.21 -5.44 -7.44
N ILE A 84 23.02 -5.97 -7.18
CA ILE A 84 22.21 -6.59 -8.23
C ILE A 84 20.81 -6.01 -8.27
N GLU A 85 20.26 -5.90 -9.47
CA GLU A 85 18.92 -5.40 -9.70
C GLU A 85 18.08 -6.55 -10.30
N LEU A 86 16.82 -6.63 -9.89
CA LEU A 86 15.94 -7.71 -10.35
C LEU A 86 14.83 -7.28 -11.30
N SER A 87 14.54 -8.16 -12.25
CA SER A 87 13.46 -7.90 -13.20
C SER A 87 12.16 -8.21 -12.44
N ASP A 88 11.02 -8.01 -13.09
CA ASP A 88 9.75 -8.26 -12.44
C ASP A 88 9.47 -9.72 -12.12
N ASP A 89 9.89 -10.61 -13.01
CA ASP A 89 9.67 -12.05 -12.84
C ASP A 89 10.95 -12.78 -12.42
N ALA A 90 11.83 -12.09 -11.71
CA ALA A 90 13.09 -12.68 -11.25
C ALA A 90 12.94 -13.68 -10.11
N GLN A 91 13.57 -14.84 -10.24
CA GLN A 91 13.57 -15.84 -9.18
C GLN A 91 15.02 -16.28 -9.05
N PHE A 92 15.59 -16.14 -7.85
CA PHE A 92 17.00 -16.51 -7.64
C PHE A 92 17.37 -16.90 -6.22
N ASN A 93 18.55 -17.48 -6.07
CA ASN A 93 19.05 -17.82 -4.75
C ASN A 93 20.56 -17.62 -4.76
N ILE A 94 21.18 -17.62 -3.60
CA ILE A 94 22.61 -17.43 -3.51
C ILE A 94 23.22 -18.49 -2.62
N ASN A 95 24.36 -19.01 -3.04
CA ASN A 95 25.09 -20.02 -2.26
C ASN A 95 26.39 -19.40 -1.76
N PHE A 96 26.67 -19.55 -0.48
CA PHE A 96 27.90 -19.00 0.08
C PHE A 96 28.95 -20.08 0.28
N TRP A 97 30.09 -19.91 -0.39
CA TRP A 97 31.15 -20.88 -0.27
C TRP A 97 32.26 -20.32 0.60
N SER A 98 32.81 -21.17 1.47
CA SER A 98 33.89 -20.80 2.38
C SER A 98 34.75 -22.02 2.69
N ASP A 99 35.93 -21.77 3.24
CA ASP A 99 36.87 -22.82 3.59
C ASP A 99 36.42 -23.66 4.79
N GLN A 100 35.49 -23.14 5.58
CA GLN A 100 35.02 -23.86 6.76
C GLN A 100 34.77 -25.35 6.50
N LEU B 4 32.19 27.59 4.68
CA LEU B 4 32.16 27.68 3.19
C LEU B 4 30.76 27.45 2.64
N ARG B 5 30.60 27.70 1.34
CA ARG B 5 29.31 27.55 0.65
C ARG B 5 29.57 26.97 -0.75
N ILE B 6 28.66 26.13 -1.22
CA ILE B 6 28.80 25.53 -2.55
C ILE B 6 28.36 26.53 -3.62
N PRO B 7 29.29 26.93 -4.52
CA PRO B 7 28.97 27.88 -5.59
C PRO B 7 27.73 27.43 -6.32
N LYS B 8 26.82 28.35 -6.63
CA LYS B 8 25.61 27.95 -7.32
C LYS B 8 25.83 27.44 -8.74
N ASN B 9 27.08 27.43 -9.20
CA ASN B 9 27.34 26.94 -10.55
C ASN B 9 28.01 25.57 -10.54
N TRP B 10 28.25 25.03 -9.35
CA TRP B 10 28.86 23.71 -9.24
C TRP B 10 27.80 22.64 -9.50
N THR B 11 28.24 21.42 -9.78
CA THR B 11 27.31 20.34 -10.08
C THR B 11 27.74 19.07 -9.37
N ILE B 12 26.82 18.12 -9.26
CA ILE B 12 27.15 16.88 -8.58
C ILE B 12 28.01 15.97 -9.46
N GLN B 13 29.23 15.73 -8.99
CA GLN B 13 30.21 14.89 -9.69
C GLN B 13 29.82 13.41 -9.64
N ARG B 14 29.80 12.85 -8.44
CA ARG B 14 29.44 11.45 -8.25
C ARG B 14 28.71 11.28 -6.92
N SER B 15 27.75 10.35 -6.89
CA SER B 15 26.97 10.06 -5.69
C SER B 15 27.25 8.65 -5.20
N THR B 16 27.32 8.49 -3.89
CA THR B 16 27.55 7.16 -3.34
C THR B 16 26.22 6.47 -3.14
N PRO B 17 26.23 5.14 -2.99
CA PRO B 17 24.96 4.44 -2.78
C PRO B 17 24.63 4.59 -1.28
N PHE B 18 23.41 4.23 -0.88
CA PHE B 18 23.08 4.33 0.53
C PHE B 18 23.99 3.45 1.37
N PHE B 19 24.49 3.98 2.48
CA PHE B 19 25.36 3.21 3.37
C PHE B 19 24.63 3.03 4.71
N THR B 20 25.01 1.98 5.41
CA THR B 20 24.40 1.59 6.69
C THR B 20 25.51 0.97 7.53
N LYS B 21 25.27 0.77 8.82
CA LYS B 21 26.30 0.17 9.67
C LYS B 21 26.72 -1.20 9.16
N ASP B 22 25.82 -1.88 8.45
CA ASP B 22 26.12 -3.20 7.90
C ASP B 22 27.06 -3.20 6.68
N ASN B 23 26.88 -2.26 5.78
CA ASN B 23 27.69 -2.23 4.56
C ASN B 23 28.58 -1.01 4.36
N VAL B 24 28.58 -0.07 5.32
CA VAL B 24 29.40 1.13 5.16
C VAL B 24 30.90 0.84 5.05
N PRO B 25 31.59 1.51 4.11
CA PRO B 25 33.03 1.31 3.94
C PRO B 25 33.80 1.96 5.09
N GLU B 26 34.75 1.23 5.66
CA GLU B 26 35.55 1.71 6.78
C GLU B 26 36.36 2.98 6.47
N ALA B 27 36.52 3.28 5.19
CA ALA B 27 37.26 4.47 4.77
C ALA B 27 36.51 5.73 5.15
N LEU B 28 35.22 5.60 5.41
CA LEU B 28 34.39 6.75 5.79
C LEU B 28 34.31 6.86 7.31
N LEU B 29 34.48 5.74 7.99
CA LEU B 29 34.42 5.72 9.45
C LEU B 29 35.69 6.26 10.08
N THR B 30 36.73 6.43 9.27
CA THR B 30 38.02 6.90 9.77
C THR B 30 38.29 8.38 9.51
N HIS B 31 39.38 8.86 10.11
CA HIS B 31 39.80 10.25 10.00
C HIS B 31 40.39 10.50 8.60
N HIS B 32 39.61 11.17 7.74
CA HIS B 32 40.07 11.46 6.38
C HIS B 32 39.61 12.85 5.97
N ASN B 33 39.81 13.21 4.71
CA ASN B 33 39.41 14.51 4.19
C ASN B 33 38.94 14.40 2.74
N THR B 34 38.33 15.48 2.23
CA THR B 34 37.83 15.48 0.86
C THR B 34 38.80 16.15 -0.12
N ALA B 35 38.60 15.90 -1.41
CA ALA B 35 39.46 16.45 -2.46
C ALA B 35 39.46 17.98 -2.53
N VAL B 36 40.50 18.52 -3.17
CA VAL B 36 40.71 19.95 -3.33
C VAL B 36 39.59 20.75 -3.97
N ASP B 37 38.81 20.12 -4.85
CA ASP B 37 37.74 20.82 -5.53
C ASP B 37 36.37 20.16 -5.39
N VAL B 38 36.07 19.67 -4.20
CA VAL B 38 34.78 19.00 -3.96
C VAL B 38 34.17 19.22 -2.58
N PHE B 39 32.83 19.26 -2.57
CA PHE B 39 32.04 19.42 -1.36
C PHE B 39 31.29 18.11 -1.12
N GLY B 40 31.51 17.51 0.05
CA GLY B 40 30.85 16.27 0.39
C GLY B 40 29.56 16.55 1.14
N GLN B 41 28.44 16.48 0.43
CA GLN B 41 27.12 16.72 0.99
C GLN B 41 26.54 15.43 1.57
N ILE B 42 26.60 15.29 2.90
CA ILE B 42 26.11 14.09 3.58
C ILE B 42 24.60 14.18 3.85
N CYS B 43 23.84 13.27 3.24
CA CYS B 43 22.40 13.27 3.41
C CYS B 43 21.94 12.08 4.25
N VAL B 44 21.27 12.37 5.36
CA VAL B 44 20.79 11.32 6.24
C VAL B 44 19.32 11.07 5.95
N GLU B 46 17.83 8.22 7.23
CA GLU B 46 17.29 7.59 8.42
C GLU B 46 18.35 7.52 9.50
N GLY B 47 17.92 7.59 10.75
CA GLY B 47 18.83 7.50 11.87
C GLY B 47 19.63 8.78 12.14
N VAL B 48 20.83 8.62 12.66
CA VAL B 48 21.64 9.78 12.99
C VAL B 48 23.12 9.64 12.67
N VAL B 49 23.66 10.61 11.94
CA VAL B 49 25.08 10.60 11.63
C VAL B 49 25.74 11.75 12.43
N THR B 50 26.72 11.42 13.26
CA THR B 50 27.44 12.41 14.05
C THR B 50 28.70 12.81 13.31
N TYR B 51 28.78 14.08 12.94
CA TYR B 51 29.92 14.61 12.19
C TYR B 51 30.94 15.33 13.07
N TYR B 52 32.19 14.93 12.97
CA TYR B 52 33.27 15.54 13.73
C TYR B 52 34.22 16.24 12.78
N GLY B 53 34.45 17.53 13.00
CA GLY B 53 35.35 18.28 12.14
C GLY B 53 36.66 18.59 12.86
N PHE B 54 37.76 18.64 12.12
CA PHE B 54 39.05 18.96 12.71
C PHE B 54 39.71 20.14 12.03
N ALA B 55 40.39 20.96 12.83
CA ALA B 55 41.07 22.16 12.34
C ALA B 55 42.05 21.85 11.19
N ASN B 56 42.80 20.76 11.36
CA ASN B 56 43.74 20.30 10.34
C ASN B 56 44.14 18.83 10.50
N SER B 57 44.92 18.35 9.56
CA SER B 57 45.41 16.99 9.55
C SER B 57 46.06 16.59 10.87
N GLU B 58 46.51 17.57 11.65
CA GLU B 58 47.19 17.29 12.91
C GLU B 58 46.35 17.43 14.18
N ALA B 59 45.15 17.98 14.05
CA ALA B 59 44.27 18.15 15.21
C ALA B 59 43.91 16.78 15.80
N THR B 60 43.75 16.74 17.12
CA THR B 60 43.39 15.51 17.82
C THR B 60 42.05 15.65 18.54
N GLU B 61 41.65 16.89 18.78
CA GLU B 61 40.39 17.19 19.43
C GLU B 61 39.56 17.95 18.40
N PRO B 62 38.29 17.57 18.22
CA PRO B 62 37.42 18.22 17.25
C PRO B 62 37.19 19.71 17.52
N GLU B 63 37.04 20.47 16.45
CA GLU B 63 36.77 21.88 16.56
C GLU B 63 35.29 22.10 16.22
N ILE B 64 34.65 21.03 15.72
CA ILE B 64 33.23 21.09 15.39
C ILE B 64 32.56 19.72 15.44
N LYS B 65 31.39 19.70 16.05
CA LYS B 65 30.60 18.49 16.17
C LYS B 65 29.17 18.85 15.79
N VAL B 66 28.60 18.11 14.85
CA VAL B 66 27.24 18.40 14.43
C VAL B 66 26.50 17.08 14.27
N VAL B 67 25.32 16.98 14.89
CA VAL B 67 24.53 15.77 14.75
C VAL B 67 23.62 16.03 13.59
N ILE B 68 23.58 15.10 12.65
CA ILE B 68 22.73 15.23 11.45
C ILE B 68 21.65 14.16 11.52
N ASN B 69 20.41 14.61 11.56
CA ASN B 69 19.27 13.70 11.64
C ASN B 69 18.62 13.48 10.27
N ALA B 70 17.76 12.48 10.23
CA ALA B 70 17.03 12.11 9.02
C ALA B 70 16.26 13.32 8.47
N GLY B 71 16.39 13.56 7.17
CA GLY B 71 15.71 14.68 6.55
C GLY B 71 16.63 15.89 6.48
N GLN B 72 17.83 15.76 6.99
CA GLN B 72 18.78 16.85 6.95
C GLN B 72 20.06 16.39 6.26
N PHE B 73 20.92 17.34 5.98
CA PHE B 73 22.20 17.06 5.35
C PHE B 73 23.17 18.13 5.84
N ALA B 74 24.46 17.82 5.79
CA ALA B 74 25.52 18.75 6.18
C ALA B 74 26.60 18.65 5.09
N THR B 75 27.17 19.79 4.69
CA THR B 75 28.20 19.78 3.65
C THR B 75 29.60 19.90 4.21
N SER B 76 30.52 19.10 3.68
CA SER B 76 31.90 19.16 4.16
C SER B 76 32.78 19.94 3.16
N PRO B 77 33.47 21.00 3.65
CA PRO B 77 34.35 21.85 2.83
C PRO B 77 35.52 21.11 2.17
N PRO B 78 36.00 21.62 1.01
CA PRO B 78 37.12 20.98 0.33
C PRO B 78 38.36 20.86 1.21
N GLN B 79 38.94 19.66 1.25
CA GLN B 79 40.14 19.37 2.03
C GLN B 79 40.00 19.42 3.54
N TYR B 80 38.77 19.59 4.02
CA TYR B 80 38.54 19.65 5.46
C TYR B 80 38.53 18.27 6.10
N TRP B 81 39.36 18.07 7.11
CA TRP B 81 39.43 16.77 7.78
C TRP B 81 38.24 16.52 8.72
N HIS B 82 37.72 15.29 8.70
CA HIS B 82 36.59 14.92 9.54
C HIS B 82 36.38 13.43 9.72
N ARG B 83 35.45 13.09 10.61
CA ARG B 83 35.13 11.69 10.89
C ARG B 83 33.64 11.59 11.23
N ILE B 84 32.98 10.53 10.75
CA ILE B 84 31.57 10.35 11.01
C ILE B 84 31.30 9.09 11.81
N GLU B 85 30.27 9.15 12.64
CA GLU B 85 29.86 8.02 13.46
C GLU B 85 28.38 7.84 13.18
N LEU B 86 27.98 6.59 12.99
CA LEU B 86 26.59 6.28 12.66
C LEU B 86 25.81 5.63 13.82
N SER B 87 24.52 5.94 13.91
CA SER B 87 23.68 5.31 14.91
C SER B 87 23.33 3.97 14.27
N ASP B 88 22.98 2.98 15.10
CA ASP B 88 22.63 1.65 14.61
C ASP B 88 21.63 1.62 13.45
N ASP B 89 20.72 2.59 13.39
CA ASP B 89 19.72 2.62 12.33
C ASP B 89 19.98 3.66 11.23
N ALA B 90 21.17 4.24 11.22
CA ALA B 90 21.57 5.24 10.23
C ALA B 90 21.52 4.72 8.80
N GLN B 91 21.16 5.61 7.88
CA GLN B 91 21.11 5.31 6.45
C GLN B 91 21.38 6.65 5.78
N PHE B 92 22.53 6.76 5.12
CA PHE B 92 22.88 8.03 4.48
C PHE B 92 23.62 7.80 3.19
N ASN B 93 23.82 8.88 2.44
CA ASN B 93 24.58 8.82 1.22
C ASN B 93 25.33 10.13 1.09
N ILE B 94 26.36 10.16 0.24
CA ILE B 94 27.13 11.36 0.04
C ILE B 94 27.17 11.79 -1.43
N ASN B 95 26.87 13.06 -1.67
CA ASN B 95 26.90 13.63 -3.02
C ASN B 95 28.10 14.58 -3.08
N PHE B 96 29.06 14.24 -3.91
CA PHE B 96 30.26 15.05 -4.07
C PHE B 96 30.06 16.08 -5.17
N TRP B 97 30.13 17.35 -4.78
CA TRP B 97 29.96 18.44 -5.72
C TRP B 97 31.31 18.91 -6.20
N SER B 98 31.35 19.34 -7.45
CA SER B 98 32.58 19.85 -8.06
C SER B 98 32.20 20.66 -9.29
N ASP B 99 33.20 21.25 -9.92
CA ASP B 99 32.97 22.04 -11.11
C ASP B 99 33.98 21.67 -12.19
N LEU C 4 22.40 28.49 6.92
CA LEU C 4 22.11 29.88 6.47
C LEU C 4 23.34 30.78 6.39
N ARG C 5 23.38 31.61 5.36
CA ARG C 5 24.47 32.56 5.16
C ARG C 5 23.85 33.93 5.25
N ILE C 6 24.62 34.92 5.66
CA ILE C 6 24.10 36.27 5.76
C ILE C 6 23.99 36.87 4.36
N PRO C 7 22.80 37.37 3.99
CA PRO C 7 22.55 37.98 2.68
C PRO C 7 23.52 39.11 2.34
N LYS C 8 23.85 39.25 1.06
CA LYS C 8 24.78 40.27 0.57
C LYS C 8 24.34 41.71 0.84
N ASN C 9 23.04 41.95 0.78
CA ASN C 9 22.49 43.28 0.99
C ASN C 9 22.27 43.64 2.46
N TRP C 10 22.44 42.66 3.35
CA TRP C 10 22.25 42.93 4.78
C TRP C 10 23.41 43.76 5.34
N THR C 11 23.16 44.45 6.46
CA THR C 11 24.18 45.28 7.08
C THR C 11 24.13 45.14 8.61
N ILE C 12 25.14 45.70 9.29
CA ILE C 12 25.19 45.61 10.74
C ILE C 12 24.38 46.72 11.37
N GLN C 13 23.26 46.37 12.00
CA GLN C 13 22.42 47.39 12.64
C GLN C 13 23.07 47.82 13.96
N ARG C 14 23.75 46.89 14.62
CA ARG C 14 24.41 47.20 15.89
C ARG C 14 25.56 46.24 16.23
N SER C 15 26.53 46.74 16.98
CA SER C 15 27.67 45.95 17.41
C SER C 15 27.89 46.12 18.92
N THR C 16 28.18 45.04 19.63
CA THR C 16 28.42 45.15 21.07
C THR C 16 29.89 45.52 21.31
N PRO C 17 30.21 45.97 22.53
CA PRO C 17 31.61 46.30 22.81
C PRO C 17 32.29 44.95 23.06
N PHE C 18 33.57 44.98 23.43
CA PHE C 18 34.31 43.75 23.71
C PHE C 18 33.93 43.19 25.07
N PHE C 19 33.66 41.89 25.11
CA PHE C 19 33.30 41.21 26.33
C PHE C 19 34.38 40.20 26.71
N THR C 20 34.58 40.02 28.01
CA THR C 20 35.56 39.07 28.53
C THR C 20 34.88 38.38 29.72
N LYS C 21 35.61 37.52 30.42
CA LYS C 21 35.04 36.82 31.56
C LYS C 21 34.70 37.83 32.66
N ASP C 22 35.37 38.97 32.61
CA ASP C 22 35.23 40.03 33.60
C ASP C 22 34.02 40.95 33.46
N ASN C 23 33.53 41.15 32.24
CA ASN C 23 32.40 42.07 32.10
C ASN C 23 31.30 41.59 31.16
N VAL C 24 31.30 40.32 30.80
CA VAL C 24 30.27 39.80 29.91
C VAL C 24 28.89 39.80 30.57
N PRO C 25 27.83 40.08 29.79
CA PRO C 25 26.45 40.09 30.30
C PRO C 25 25.93 38.67 30.45
N GLU C 26 25.52 38.31 31.66
CA GLU C 26 24.99 36.98 31.96
C GLU C 26 24.03 36.46 30.91
N ALA C 27 23.32 37.38 30.25
CA ALA C 27 22.35 36.99 29.23
C ALA C 27 22.92 36.17 28.07
N LEU C 28 24.18 36.45 27.70
CA LEU C 28 24.82 35.73 26.60
C LEU C 28 25.35 34.35 27.02
N LEU C 29 25.80 34.26 28.27
CA LEU C 29 26.31 33.03 28.83
C LEU C 29 25.21 31.99 29.05
N THR C 30 23.95 32.40 28.86
CA THR C 30 22.83 31.50 29.06
C THR C 30 22.16 31.03 27.78
N HIS C 31 21.41 29.94 27.91
CA HIS C 31 20.68 29.35 26.81
C HIS C 31 19.60 30.34 26.36
N HIS C 32 19.84 30.98 25.21
CA HIS C 32 18.91 31.98 24.66
C HIS C 32 18.99 31.96 23.13
N ASN C 33 18.23 32.84 22.48
CA ASN C 33 18.23 32.91 21.01
C ASN C 33 18.35 34.34 20.49
N THR C 34 18.71 34.49 19.21
CA THR C 34 18.86 35.82 18.62
C THR C 34 17.52 36.36 18.15
N ALA C 35 17.53 37.63 17.77
CA ALA C 35 16.33 38.33 17.31
C ALA C 35 15.58 37.53 16.25
N VAL C 36 14.30 37.88 16.05
CA VAL C 36 13.45 37.19 15.10
C VAL C 36 13.96 37.18 13.66
N ASP C 37 14.75 38.18 13.29
CA ASP C 37 15.27 38.24 11.92
C ASP C 37 16.67 38.82 11.86
N VAL C 38 17.49 38.45 12.84
CA VAL C 38 18.85 38.95 12.91
C VAL C 38 19.89 37.86 13.02
N PHE C 39 21.01 38.06 12.33
CA PHE C 39 22.14 37.14 12.32
C PHE C 39 23.15 37.61 13.36
N GLY C 40 23.55 36.71 14.23
CA GLY C 40 24.52 37.05 15.25
C GLY C 40 25.91 36.60 14.84
N GLN C 41 26.81 37.53 14.60
CA GLN C 41 28.18 37.20 14.22
C GLN C 41 29.10 37.38 15.44
N ILE C 42 29.72 36.29 15.88
CA ILE C 42 30.60 36.34 17.05
C ILE C 42 32.08 36.31 16.64
N CYS C 43 32.81 37.38 16.93
CA CYS C 43 34.22 37.46 16.56
C CYS C 43 35.14 37.34 17.77
N VAL C 44 36.08 36.41 17.73
CA VAL C 44 36.96 36.23 18.85
C VAL C 44 38.32 36.86 18.58
N GLU C 46 40.65 37.24 21.15
CA GLU C 46 41.58 36.48 21.97
C GLU C 46 40.90 35.31 22.70
N GLY C 47 41.69 34.30 23.02
CA GLY C 47 41.18 33.14 23.74
C GLY C 47 40.22 32.30 22.93
N VAL C 48 39.37 31.57 23.63
CA VAL C 48 38.43 30.71 22.96
C VAL C 48 36.99 30.87 23.40
N VAL C 49 36.09 30.83 22.43
CA VAL C 49 34.68 30.87 22.73
C VAL C 49 34.12 29.58 22.16
N THR C 50 33.38 28.86 23.00
CA THR C 50 32.76 27.61 22.57
C THR C 50 31.26 27.87 22.41
N TYR C 51 30.75 27.55 21.22
CA TYR C 51 29.36 27.74 20.85
C TYR C 51 28.57 26.44 20.88
N TYR C 52 27.44 26.45 21.58
CA TYR C 52 26.58 25.28 21.69
C TYR C 52 25.23 25.63 21.10
N GLY C 53 24.85 24.94 20.03
CA GLY C 53 23.57 25.18 19.41
C GLY C 53 22.55 24.09 19.75
N PHE C 54 21.27 24.44 19.70
CA PHE C 54 20.19 23.50 20.00
C PHE C 54 19.13 23.56 18.91
N ALA C 55 18.56 22.41 18.58
CA ALA C 55 17.54 22.32 17.52
C ALA C 55 16.33 23.21 17.77
N ASN C 56 15.97 23.38 19.05
CA ASN C 56 14.84 24.24 19.42
C ASN C 56 15.02 24.62 20.88
N SER C 57 14.03 25.30 21.43
CA SER C 57 14.05 25.75 22.82
C SER C 57 13.82 24.62 23.79
N GLU C 58 13.42 23.44 23.32
CA GLU C 58 13.19 22.32 24.23
C GLU C 58 14.37 21.37 24.42
N ALA C 59 15.14 21.17 23.35
CA ALA C 59 16.31 20.29 23.36
C ALA C 59 17.18 20.47 24.60
N THR C 60 17.63 19.36 25.18
CA THR C 60 18.48 19.41 26.37
C THR C 60 19.94 19.26 25.97
N GLU C 61 20.17 18.51 24.88
CA GLU C 61 21.52 18.31 24.36
C GLU C 61 21.73 19.17 23.11
N PRO C 62 22.95 19.63 22.89
CA PRO C 62 23.21 20.45 21.70
C PRO C 62 23.31 19.60 20.44
N GLU C 63 22.90 20.18 19.31
CA GLU C 63 22.97 19.48 18.04
C GLU C 63 24.24 19.95 17.33
N ILE C 64 24.88 20.99 17.88
CA ILE C 64 26.12 21.49 17.31
C ILE C 64 27.00 22.17 18.35
N LYS C 65 28.29 21.92 18.22
CA LYS C 65 29.28 22.50 19.09
C LYS C 65 30.37 23.03 18.16
N VAL C 66 30.72 24.31 18.31
CA VAL C 66 31.73 24.95 17.49
C VAL C 66 32.72 25.69 18.37
N VAL C 67 34.00 25.43 18.17
CA VAL C 67 35.06 26.08 18.93
C VAL C 67 35.58 27.23 18.06
N ILE C 68 35.46 28.45 18.58
CA ILE C 68 35.90 29.67 17.89
C ILE C 68 37.17 30.22 18.51
N ASN C 69 38.24 30.21 17.72
CA ASN C 69 39.55 30.71 18.18
C ASN C 69 39.78 32.14 17.75
N ALA C 70 40.78 32.77 18.37
CA ALA C 70 41.14 34.13 18.06
C ALA C 70 41.43 34.28 16.55
N GLY C 71 40.86 35.33 15.95
CA GLY C 71 41.06 35.56 14.52
C GLY C 71 39.94 34.95 13.68
N GLN C 72 39.00 34.27 14.34
CA GLN C 72 37.88 33.63 13.63
C GLN C 72 36.55 34.18 14.15
N PHE C 73 35.48 33.82 13.45
CA PHE C 73 34.14 34.24 13.85
C PHE C 73 33.13 33.19 13.40
N ALA C 74 32.03 33.05 14.13
CA ALA C 74 31.00 32.09 13.76
C ALA C 74 29.69 32.85 13.85
N THR C 75 28.79 32.58 12.90
CA THR C 75 27.50 33.26 12.88
C THR C 75 26.38 32.44 13.50
N SER C 76 25.37 33.13 13.99
CA SER C 76 24.23 32.51 14.61
C SER C 76 22.99 32.91 13.78
N PRO C 77 22.36 31.94 13.11
CA PRO C 77 21.17 32.24 12.30
C PRO C 77 20.01 32.79 13.14
N PRO C 78 19.16 33.61 12.52
CA PRO C 78 18.01 34.21 13.21
C PRO C 78 17.08 33.20 13.87
N GLN C 79 16.78 33.45 15.15
CA GLN C 79 15.90 32.61 15.95
C GLN C 79 16.50 31.32 16.53
N TYR C 80 17.72 31.00 16.12
CA TYR C 80 18.39 29.79 16.59
C TYR C 80 18.85 29.87 18.07
N TRP C 81 18.53 28.84 18.85
CA TRP C 81 18.87 28.79 20.27
C TRP C 81 20.32 28.32 20.51
N HIS C 82 21.06 29.07 21.35
CA HIS C 82 22.43 28.72 21.64
C HIS C 82 22.95 29.25 22.96
N ARG C 83 24.14 28.79 23.30
CA ARG C 83 24.79 29.20 24.52
C ARG C 83 26.30 29.22 24.22
N ILE C 84 27.02 30.16 24.83
CA ILE C 84 28.45 30.23 24.63
C ILE C 84 29.18 30.19 25.97
N GLU C 85 30.37 29.59 25.94
CA GLU C 85 31.25 29.47 27.09
C GLU C 85 32.56 30.10 26.65
N LEU C 86 33.18 30.82 27.56
CA LEU C 86 34.42 31.52 27.27
C LEU C 86 35.58 31.04 28.11
N SER C 87 36.75 30.92 27.49
CA SER C 87 37.97 30.53 28.18
C SER C 87 38.30 31.73 29.09
N ASP C 88 39.19 31.55 30.07
CA ASP C 88 39.51 32.66 30.97
C ASP C 88 40.14 33.90 30.34
N ASP C 89 40.69 33.74 29.14
CA ASP C 89 41.33 34.85 28.42
C ASP C 89 40.51 35.29 27.21
N ALA C 90 39.27 34.84 27.11
CA ALA C 90 38.44 35.20 25.96
C ALA C 90 38.20 36.71 25.86
N GLN C 91 38.09 37.19 24.63
CA GLN C 91 37.79 38.58 24.33
C GLN C 91 37.04 38.53 23.01
N PHE C 92 35.76 38.89 23.02
CA PHE C 92 34.98 38.84 21.79
C PHE C 92 33.93 39.93 21.73
N ASN C 93 33.31 40.07 20.57
CA ASN C 93 32.25 41.04 20.41
C ASN C 93 31.27 40.40 19.44
N ILE C 94 30.06 40.94 19.35
CA ILE C 94 29.09 40.39 18.44
C ILE C 94 28.52 41.46 17.55
N ASN C 95 28.46 41.18 16.26
CA ASN C 95 27.88 42.10 15.32
C ASN C 95 26.55 41.46 14.89
N PHE C 96 25.51 42.28 14.88
CA PHE C 96 24.15 41.88 14.54
C PHE C 96 23.72 42.41 13.17
N TRP C 97 23.49 41.50 12.23
CA TRP C 97 23.09 41.89 10.88
C TRP C 97 21.59 41.71 10.67
N SER C 98 20.97 42.69 10.01
CA SER C 98 19.54 42.64 9.73
C SER C 98 19.17 43.65 8.65
N ASP C 99 17.91 44.06 8.63
CA ASP C 99 17.37 45.05 7.68
C ASP C 99 17.34 44.49 6.26
N SER D 2 6.35 13.47 8.36
CA SER D 2 7.65 12.80 8.09
C SER D 2 7.85 12.46 6.60
N HIS D 3 9.08 12.59 6.13
CA HIS D 3 9.40 12.27 4.75
C HIS D 3 9.42 10.76 4.55
N LEU D 4 9.09 10.31 3.34
CA LEU D 4 9.09 8.89 3.03
C LEU D 4 10.53 8.42 2.94
N ARG D 5 10.79 7.20 3.37
CA ARG D 5 12.14 6.68 3.32
C ARG D 5 12.41 6.04 1.97
N ILE D 6 13.57 6.35 1.40
CA ILE D 6 13.92 5.74 0.12
C ILE D 6 14.61 4.42 0.48
N PRO D 7 14.10 3.30 -0.06
CA PRO D 7 14.74 2.02 0.29
C PRO D 7 16.26 2.05 0.12
N LYS D 8 16.92 1.24 0.93
CA LYS D 8 18.38 1.12 0.98
C LYS D 8 19.10 0.68 -0.29
N ASN D 9 18.38 0.00 -1.17
CA ASN D 9 18.97 -0.49 -2.40
C ASN D 9 18.88 0.48 -3.56
N TRP D 10 18.07 1.52 -3.43
CA TRP D 10 17.95 2.46 -4.55
C TRP D 10 19.24 3.26 -4.76
N THR D 11 19.38 3.86 -5.94
CA THR D 11 20.58 4.64 -6.23
C THR D 11 20.22 5.86 -7.07
N ILE D 12 21.05 6.89 -6.99
CA ILE D 12 20.81 8.11 -7.74
C ILE D 12 21.11 7.89 -9.23
N GLN D 13 20.07 8.10 -10.04
CA GLN D 13 20.16 7.93 -11.49
C GLN D 13 20.55 9.23 -12.18
N ARG D 14 20.05 10.34 -11.67
CA ARG D 14 20.34 11.63 -12.26
C ARG D 14 20.08 12.71 -11.21
N SER D 15 20.81 13.82 -11.30
CA SER D 15 20.66 14.93 -10.35
C SER D 15 20.73 16.28 -11.05
N THR D 16 19.71 17.10 -10.85
CA THR D 16 19.68 18.41 -11.49
C THR D 16 20.77 19.33 -10.88
N PRO D 17 21.02 20.48 -11.52
CA PRO D 17 22.03 21.40 -10.97
C PRO D 17 21.24 22.33 -10.06
N PHE D 18 21.91 23.24 -9.36
CA PHE D 18 21.22 24.17 -8.47
C PHE D 18 20.24 25.04 -9.26
N PHE D 19 19.10 25.36 -8.66
CA PHE D 19 18.09 26.21 -9.29
C PHE D 19 17.77 27.39 -8.38
N THR D 20 17.29 28.49 -8.96
CA THR D 20 16.91 29.67 -8.19
C THR D 20 15.61 30.21 -8.74
N LYS D 21 15.10 31.29 -8.14
CA LYS D 21 13.83 31.88 -8.56
C LYS D 21 13.88 32.38 -10.02
N ASP D 22 15.08 32.57 -10.55
CA ASP D 22 15.22 33.06 -11.92
C ASP D 22 15.60 32.02 -12.99
N ASN D 23 15.97 30.81 -12.60
CA ASN D 23 16.34 29.81 -13.60
C ASN D 23 15.65 28.45 -13.41
N VAL D 24 14.65 28.39 -12.54
CA VAL D 24 13.94 27.14 -12.29
C VAL D 24 12.91 26.84 -13.38
N PRO D 25 12.92 25.61 -13.92
CA PRO D 25 11.98 25.20 -14.96
C PRO D 25 10.52 25.30 -14.55
N GLU D 26 9.73 26.00 -15.36
CA GLU D 26 8.31 26.18 -15.09
C GLU D 26 7.55 24.87 -14.85
N ALA D 27 8.14 23.76 -15.30
CA ALA D 27 7.51 22.46 -15.11
C ALA D 27 7.40 22.15 -13.62
N LEU D 28 8.46 22.46 -12.87
CA LEU D 28 8.47 22.22 -11.44
C LEU D 28 7.43 23.08 -10.71
N LEU D 29 7.19 24.28 -11.22
CA LEU D 29 6.23 25.19 -10.60
C LEU D 29 4.79 24.79 -10.90
N THR D 30 4.61 23.75 -11.69
CA THR D 30 3.28 23.27 -12.04
C THR D 30 3.16 21.77 -11.76
N HIS D 31 1.95 21.24 -11.81
CA HIS D 31 1.70 19.83 -11.54
C HIS D 31 2.61 18.89 -12.34
N HIS D 32 3.38 18.09 -11.62
CA HIS D 32 4.28 17.14 -12.24
C HIS D 32 4.58 16.00 -11.26
N ASN D 33 5.00 14.86 -11.81
CA ASN D 33 5.32 13.70 -10.97
C ASN D 33 6.61 13.05 -11.44
N THR D 34 7.13 12.13 -10.65
CA THR D 34 8.34 11.42 -10.99
C THR D 34 7.92 10.20 -11.79
N ALA D 35 8.87 9.63 -12.52
CA ALA D 35 8.62 8.45 -13.37
C ALA D 35 8.22 7.20 -12.58
N VAL D 36 8.01 6.12 -13.33
CA VAL D 36 7.57 4.83 -12.79
C VAL D 36 8.30 4.26 -11.57
N ASP D 37 9.63 4.28 -11.60
CA ASP D 37 10.39 3.76 -10.48
C ASP D 37 11.41 4.77 -9.99
N VAL D 38 11.00 6.03 -9.92
CA VAL D 38 11.89 7.09 -9.49
C VAL D 38 11.38 7.82 -8.25
N PHE D 39 12.28 8.02 -7.31
CA PHE D 39 11.98 8.69 -6.06
C PHE D 39 12.71 10.04 -6.10
N GLY D 40 11.96 11.13 -6.02
CA GLY D 40 12.56 12.45 -6.04
C GLY D 40 12.97 12.96 -4.67
N GLN D 41 14.16 13.53 -4.59
CA GLN D 41 14.68 14.07 -3.33
C GLN D 41 15.04 15.55 -3.52
N ILE D 42 14.18 16.43 -3.02
CA ILE D 42 14.38 17.88 -3.13
C ILE D 42 15.15 18.46 -1.96
N CYS D 43 16.44 18.73 -2.16
CA CYS D 43 17.32 19.28 -1.13
C CYS D 43 17.46 20.81 -1.18
N VAL D 44 17.26 21.48 -0.05
CA VAL D 44 17.35 22.94 0.02
C VAL D 44 18.66 23.48 0.61
N GLU D 46 19.49 27.00 0.35
CA GLU D 46 19.19 28.32 0.86
C GLU D 46 17.73 28.60 0.61
N GLY D 47 17.14 29.49 1.41
CA GLY D 47 15.75 29.84 1.24
C GLY D 47 14.74 28.83 1.73
N VAL D 48 13.54 28.89 1.16
CA VAL D 48 12.48 27.98 1.55
C VAL D 48 11.73 27.50 0.32
N VAL D 49 11.51 26.20 0.25
CA VAL D 49 10.77 25.62 -0.86
C VAL D 49 9.54 24.96 -0.26
N THR D 50 8.36 25.36 -0.72
CA THR D 50 7.15 24.75 -0.19
C THR D 50 6.65 23.69 -1.18
N TYR D 51 6.43 22.49 -0.67
CA TYR D 51 5.98 21.34 -1.46
C TYR D 51 4.47 21.14 -1.36
N TYR D 52 3.83 20.97 -2.51
CA TYR D 52 2.38 20.75 -2.57
C TYR D 52 2.14 19.41 -3.29
N GLY D 53 1.31 18.56 -2.69
CA GLY D 53 1.04 17.26 -3.27
C GLY D 53 -0.45 17.13 -3.54
N PHE D 54 -0.79 16.34 -4.55
CA PHE D 54 -2.18 16.12 -4.92
C PHE D 54 -2.53 14.64 -4.99
N ALA D 55 -3.78 14.32 -4.72
CA ALA D 55 -4.27 12.96 -4.72
C ALA D 55 -4.09 12.29 -6.08
N ASN D 56 -4.15 13.08 -7.14
CA ASN D 56 -3.96 12.57 -8.50
C ASN D 56 -3.74 13.73 -9.46
N SER D 57 -3.58 13.40 -10.74
CA SER D 57 -3.31 14.40 -11.77
C SER D 57 -4.43 15.40 -12.00
N GLU D 58 -5.63 15.04 -11.57
CA GLU D 58 -6.78 15.92 -11.75
C GLU D 58 -7.18 16.67 -10.49
N ALA D 59 -6.37 16.58 -9.44
CA ALA D 59 -6.70 17.26 -8.19
C ALA D 59 -6.30 18.73 -8.25
N THR D 60 -7.15 19.60 -7.72
CA THR D 60 -6.89 21.03 -7.72
C THR D 60 -6.50 21.52 -6.33
N GLU D 61 -7.01 20.86 -5.30
CA GLU D 61 -6.71 21.22 -3.92
C GLU D 61 -5.70 20.23 -3.36
N PRO D 62 -4.49 20.70 -3.01
CA PRO D 62 -3.49 19.76 -2.47
C PRO D 62 -3.98 19.02 -1.23
N GLU D 63 -3.41 17.83 -0.99
CA GLU D 63 -3.78 17.04 0.19
C GLU D 63 -2.61 17.07 1.18
N ILE D 64 -1.47 17.60 0.72
CA ILE D 64 -0.30 17.73 1.58
C ILE D 64 0.54 18.96 1.24
N LYS D 65 1.05 19.60 2.29
CA LYS D 65 1.90 20.78 2.16
C LYS D 65 3.06 20.65 3.15
N VAL D 66 4.27 20.86 2.66
CA VAL D 66 5.46 20.76 3.49
C VAL D 66 6.42 21.87 3.12
N VAL D 67 6.94 22.55 4.14
CA VAL D 67 7.89 23.63 3.92
C VAL D 67 9.28 23.05 4.17
N ILE D 68 10.17 23.23 3.20
CA ILE D 68 11.52 22.71 3.30
C ILE D 68 12.51 23.86 3.44
N ASN D 69 13.32 23.82 4.49
CA ASN D 69 14.32 24.85 4.76
C ASN D 69 15.72 24.36 4.42
N ALA D 70 16.65 25.32 4.34
CA ALA D 70 18.04 25.02 4.05
C ALA D 70 18.55 23.96 5.02
N GLY D 71 19.40 23.08 4.53
CA GLY D 71 19.93 22.02 5.36
C GLY D 71 18.98 20.82 5.43
N GLN D 72 17.78 20.96 4.87
CA GLN D 72 16.81 19.87 4.89
C GLN D 72 16.45 19.40 3.48
N PHE D 73 15.70 18.29 3.41
CA PHE D 73 15.25 17.74 2.13
C PHE D 73 13.95 16.97 2.33
N ALA D 74 13.16 16.89 1.28
CA ALA D 74 11.90 16.16 1.30
C ALA D 74 12.02 15.11 0.19
N THR D 75 11.06 14.19 0.14
CA THR D 75 11.10 13.14 -0.87
C THR D 75 9.73 13.02 -1.50
N SER D 76 9.72 12.66 -2.78
CA SER D 76 8.47 12.54 -3.51
C SER D 76 8.41 11.13 -4.07
N PRO D 77 7.36 10.37 -3.72
CA PRO D 77 7.21 9.01 -4.20
C PRO D 77 6.93 8.91 -5.70
N PRO D 78 7.22 7.74 -6.29
CA PRO D 78 7.02 7.48 -7.73
C PRO D 78 5.61 7.81 -8.24
N GLN D 79 5.55 8.61 -9.31
CA GLN D 79 4.28 8.99 -9.94
C GLN D 79 3.31 9.85 -9.15
N TYR D 80 3.75 10.36 -8.01
CA TYR D 80 2.91 11.20 -7.14
C TYR D 80 2.92 12.63 -7.68
N TRP D 81 1.74 13.16 -7.98
CA TRP D 81 1.68 14.51 -8.52
C TRP D 81 1.88 15.61 -7.46
N HIS D 82 2.66 16.62 -7.82
CA HIS D 82 2.97 17.72 -6.91
C HIS D 82 3.47 18.98 -7.64
N ARG D 83 3.74 20.03 -6.88
CA ARG D 83 4.29 21.27 -7.41
C ARG D 83 5.03 21.95 -6.27
N ILE D 84 5.94 22.85 -6.61
CA ILE D 84 6.70 23.55 -5.59
C ILE D 84 6.73 25.05 -5.83
N GLU D 85 6.79 25.80 -4.72
CA GLU D 85 6.86 27.25 -4.74
C GLU D 85 8.19 27.67 -4.11
N LEU D 86 8.87 28.62 -4.73
CA LEU D 86 10.15 29.08 -4.21
C LEU D 86 10.05 30.46 -3.56
N SER D 87 10.99 30.70 -2.63
CA SER D 87 11.09 31.98 -1.95
C SER D 87 12.06 32.79 -2.80
N ASP D 88 12.13 34.10 -2.59
CA ASP D 88 13.02 34.93 -3.37
C ASP D 88 14.49 34.55 -3.26
N ASP D 89 14.85 33.89 -2.16
CA ASP D 89 16.24 33.51 -1.94
C ASP D 89 16.50 31.99 -1.98
N ALA D 90 15.51 31.24 -2.43
CA ALA D 90 15.64 29.80 -2.49
C ALA D 90 16.68 29.30 -3.47
N GLN D 91 17.41 28.27 -3.05
CA GLN D 91 18.41 27.62 -3.88
C GLN D 91 18.31 26.13 -3.57
N PHE D 92 17.78 25.36 -4.52
CA PHE D 92 17.64 23.92 -4.30
C PHE D 92 18.07 23.11 -5.51
N ASN D 93 18.04 21.79 -5.32
CA ASN D 93 18.35 20.84 -6.39
C ASN D 93 17.59 19.55 -6.12
N ILE D 94 17.49 18.72 -7.15
CA ILE D 94 16.77 17.46 -7.05
C ILE D 94 17.58 16.24 -7.47
N ASN D 95 17.51 15.21 -6.65
CA ASN D 95 18.17 13.94 -6.92
C ASN D 95 17.09 12.93 -7.25
N PHE D 96 17.28 12.21 -8.34
CA PHE D 96 16.33 11.20 -8.76
C PHE D 96 16.89 9.85 -8.44
N TRP D 97 16.19 9.11 -7.59
CA TRP D 97 16.66 7.79 -7.22
C TRP D 97 15.82 6.70 -7.86
N SER D 98 16.46 5.58 -8.17
CA SER D 98 15.70 4.49 -8.75
C SER D 98 16.10 3.11 -8.29
N ASP D 99 15.12 2.22 -8.43
CA ASP D 99 15.19 0.81 -8.10
C ASP D 99 15.91 0.08 -9.23
N GLN D 100 15.81 0.64 -10.43
CA GLN D 100 16.43 0.03 -11.60
C GLN D 100 17.14 1.09 -12.43
N ASP D 101 17.91 0.65 -13.42
CA ASP D 101 18.65 1.55 -14.28
C ASP D 101 17.70 2.37 -15.15
N LYS D 102 17.86 3.68 -15.15
CA LYS D 102 17.02 4.55 -15.93
C LYS D 102 17.87 5.29 -16.98
N SER D 103 19.11 4.84 -17.14
CA SER D 103 20.02 5.44 -18.11
C SER D 103 19.40 5.30 -19.49
N GLY D 104 18.75 6.38 -19.94
CA GLY D 104 18.10 6.38 -21.24
C GLY D 104 16.63 6.70 -21.14
N LYS D 105 16.03 6.44 -19.97
CA LYS D 105 14.62 6.70 -19.76
C LYS D 105 14.36 8.07 -19.11
N LYS D 106 13.09 8.40 -18.88
CA LYS D 106 12.75 9.69 -18.29
C LYS D 106 12.65 9.69 -16.75
N PHE D 108 10.50 12.32 -15.14
CA PHE D 108 9.24 12.95 -14.77
C PHE D 108 8.28 13.21 -15.94
N ASN D 109 7.01 13.45 -15.59
CA ASN D 109 5.97 13.78 -16.55
C ASN D 109 5.45 15.18 -16.20
N THR D 110 4.52 15.71 -16.98
CA THR D 110 4.01 17.05 -16.70
C THR D 110 2.60 17.38 -17.19
N LYS D 111 2.07 16.58 -18.10
CA LYS D 111 0.73 16.85 -18.65
C LYS D 111 -0.35 17.04 -17.59
N ILE E 6 -21.97 4.06 -1.36
CA ILE E 6 -22.79 5.04 -2.14
C ILE E 6 -23.79 5.75 -1.23
N PRO E 7 -23.71 7.09 -1.16
CA PRO E 7 -24.62 7.89 -0.32
C PRO E 7 -26.10 7.62 -0.65
N LYS E 8 -26.91 7.54 0.41
CA LYS E 8 -28.34 7.26 0.30
C LYS E 8 -29.20 8.25 -0.48
N ASN E 9 -28.64 9.38 -0.89
CA ASN E 9 -29.43 10.36 -1.63
C ASN E 9 -29.13 10.33 -3.12
N TRP E 10 -28.06 9.65 -3.51
CA TRP E 10 -27.70 9.55 -4.91
C TRP E 10 -28.62 8.62 -5.69
N THR E 11 -28.73 8.86 -6.99
CA THR E 11 -29.58 8.08 -7.87
C THR E 11 -28.85 7.62 -9.15
N ILE E 12 -29.40 6.61 -9.82
CA ILE E 12 -28.76 6.10 -11.02
C ILE E 12 -28.93 7.04 -12.22
N GLN E 13 -27.81 7.52 -12.74
CA GLN E 13 -27.82 8.43 -13.87
C GLN E 13 -27.84 7.68 -15.19
N ARG E 14 -27.08 6.59 -15.25
CA ARG E 14 -26.99 5.80 -16.47
C ARG E 14 -26.73 4.32 -16.17
N SER E 15 -27.36 3.44 -16.93
CA SER E 15 -27.16 2.00 -16.77
C SER E 15 -26.77 1.41 -18.11
N THR E 16 -25.75 0.56 -18.13
CA THR E 16 -25.34 -0.04 -19.38
C THR E 16 -26.15 -1.30 -19.62
N PRO E 17 -26.11 -1.83 -20.85
CA PRO E 17 -26.86 -3.07 -21.11
C PRO E 17 -26.00 -4.22 -20.58
N PHE E 18 -26.46 -5.44 -20.78
CA PHE E 18 -25.70 -6.59 -20.35
C PHE E 18 -24.46 -6.76 -21.22
N PHE E 19 -23.32 -7.06 -20.60
CA PHE E 19 -22.08 -7.30 -21.33
C PHE E 19 -21.68 -8.76 -21.12
N THR E 20 -21.07 -9.34 -22.14
CA THR E 20 -20.62 -10.72 -22.05
C THR E 20 -19.25 -10.81 -22.72
N LYS E 21 -18.67 -12.00 -22.67
CA LYS E 21 -17.36 -12.26 -23.26
C LYS E 21 -17.35 -11.83 -24.73
N ASP E 22 -18.52 -11.85 -25.35
CA ASP E 22 -18.65 -11.50 -26.76
C ASP E 22 -18.86 -10.05 -27.14
N ASN E 23 -19.38 -9.23 -26.23
CA ASN E 23 -19.61 -7.82 -26.58
C ASN E 23 -19.06 -6.79 -25.60
N VAL E 24 -18.45 -7.23 -24.49
CA VAL E 24 -17.90 -6.28 -23.52
C VAL E 24 -16.87 -5.37 -24.19
N PRO E 25 -17.04 -4.04 -24.07
CA PRO E 25 -16.12 -3.08 -24.67
C PRO E 25 -14.70 -3.16 -24.11
N GLU E 26 -13.72 -3.08 -25.00
CA GLU E 26 -12.30 -3.16 -24.65
C GLU E 26 -11.89 -2.17 -23.57
N ALA E 27 -12.63 -1.07 -23.46
CA ALA E 27 -12.33 -0.04 -22.48
C ALA E 27 -12.41 -0.56 -21.04
N LEU E 28 -13.24 -1.57 -20.82
CA LEU E 28 -13.40 -2.14 -19.48
C LEU E 28 -12.29 -3.13 -19.15
N LEU E 29 -11.61 -3.63 -20.19
CA LEU E 29 -10.53 -4.59 -20.03
C LEU E 29 -9.19 -3.93 -19.73
N THR E 30 -9.12 -2.61 -19.82
CA THR E 30 -7.89 -1.88 -19.53
C THR E 30 -8.16 -0.80 -18.49
N HIS E 31 -7.10 -0.14 -18.06
CA HIS E 31 -7.20 0.91 -17.07
C HIS E 31 -8.25 1.95 -17.40
N HIS E 32 -9.17 2.20 -16.46
CA HIS E 32 -10.21 3.20 -16.66
C HIS E 32 -10.82 3.56 -15.31
N ASN E 33 -11.57 4.66 -15.25
CA ASN E 33 -12.19 5.09 -14.01
C ASN E 33 -13.49 5.85 -14.27
N THR E 34 -14.19 6.23 -13.20
CA THR E 34 -15.44 6.97 -13.36
C THR E 34 -15.18 8.46 -13.14
N ALA E 35 -16.19 9.28 -13.45
CA ALA E 35 -16.08 10.72 -13.28
C ALA E 35 -15.78 11.06 -11.82
N VAL E 36 -15.33 12.29 -11.59
CA VAL E 36 -14.97 12.76 -10.25
C VAL E 36 -16.10 12.71 -9.22
N ASP E 37 -17.33 12.52 -9.67
CA ASP E 37 -18.45 12.45 -8.73
C ASP E 37 -19.42 11.37 -9.17
N VAL E 38 -18.88 10.24 -9.62
CA VAL E 38 -19.71 9.12 -10.06
C VAL E 38 -19.28 7.78 -9.44
N PHE E 39 -20.26 7.04 -8.95
CA PHE E 39 -20.04 5.72 -8.36
C PHE E 39 -20.44 4.65 -9.37
N GLY E 40 -19.53 3.73 -9.67
CA GLY E 40 -19.84 2.67 -10.60
C GLY E 40 -20.16 1.40 -9.85
N GLN E 41 -21.30 0.78 -10.16
CA GLN E 41 -21.74 -0.45 -9.51
C GLN E 41 -21.73 -1.58 -10.53
N ILE E 42 -20.91 -2.59 -10.31
CA ILE E 42 -20.78 -3.74 -11.20
C ILE E 42 -21.59 -4.89 -10.63
N CYS E 43 -22.74 -5.17 -11.25
CA CYS E 43 -23.61 -6.27 -10.81
C CYS E 43 -23.40 -7.47 -11.73
N VAL E 44 -23.18 -8.64 -11.13
CA VAL E 44 -22.95 -9.85 -11.88
C VAL E 44 -24.14 -10.80 -11.75
N GLU E 46 -24.35 -13.70 -13.77
CA GLU E 46 -23.93 -15.05 -14.09
C GLU E 46 -22.44 -15.07 -14.38
N GLY E 47 -21.77 -16.11 -13.89
CA GLY E 47 -20.35 -16.23 -14.13
C GLY E 47 -19.51 -15.52 -13.09
N VAL E 48 -18.30 -15.13 -13.47
CA VAL E 48 -17.41 -14.47 -12.55
C VAL E 48 -16.70 -13.29 -13.19
N VAL E 49 -16.70 -12.18 -12.49
CA VAL E 49 -16.00 -11.00 -12.98
C VAL E 49 -14.90 -10.71 -11.97
N THR E 50 -13.69 -10.54 -12.47
CA THR E 50 -12.57 -10.24 -11.58
C THR E 50 -12.24 -8.76 -11.67
N TYR E 51 -12.24 -8.10 -10.51
CA TYR E 51 -11.96 -6.66 -10.38
C TYR E 51 -10.54 -6.38 -9.91
N TYR E 52 -9.80 -5.61 -10.70
CA TYR E 52 -8.43 -5.22 -10.38
C TYR E 52 -8.37 -3.72 -10.16
N GLY E 53 -8.05 -3.30 -8.94
CA GLY E 53 -7.95 -1.88 -8.66
C GLY E 53 -6.50 -1.43 -8.63
N PHE E 54 -6.26 -0.18 -9.01
CA PHE E 54 -4.91 0.37 -9.02
C PHE E 54 -4.82 1.66 -8.20
N ALA E 55 -3.61 1.91 -7.69
CA ALA E 55 -3.31 3.08 -6.88
C ALA E 55 -3.38 4.40 -7.64
N ASN E 56 -3.02 4.36 -8.92
CA ASN E 56 -3.07 5.57 -9.75
C ASN E 56 -3.26 5.21 -11.22
N SER E 57 -3.22 6.22 -12.09
CA SER E 57 -3.41 6.02 -13.53
C SER E 57 -2.33 5.18 -14.20
N GLU E 58 -1.08 5.39 -13.81
CA GLU E 58 0.04 4.68 -14.42
C GLU E 58 0.51 3.45 -13.63
N ALA E 59 -0.25 3.05 -12.62
CA ALA E 59 0.11 1.89 -11.82
C ALA E 59 0.10 0.63 -12.67
N THR E 60 1.14 -0.18 -12.54
CA THR E 60 1.26 -1.40 -13.31
C THR E 60 0.67 -2.61 -12.56
N GLU E 61 0.74 -2.59 -11.24
CA GLU E 61 0.20 -3.71 -10.46
C GLU E 61 -0.92 -3.28 -9.52
N PRO E 62 -1.96 -4.13 -9.41
CA PRO E 62 -3.12 -3.87 -8.56
C PRO E 62 -2.83 -3.79 -7.07
N GLU E 63 -3.65 -3.04 -6.36
CA GLU E 63 -3.49 -2.92 -4.91
C GLU E 63 -4.68 -3.66 -4.32
N ILE E 64 -5.59 -4.09 -5.18
CA ILE E 64 -6.75 -4.84 -4.74
C ILE E 64 -7.28 -5.74 -5.86
N LYS E 65 -7.67 -6.95 -5.49
CA LYS E 65 -8.20 -7.91 -6.45
C LYS E 65 -9.42 -8.54 -5.81
N VAL E 66 -10.56 -8.40 -6.47
CA VAL E 66 -11.80 -8.96 -5.95
C VAL E 66 -12.53 -9.83 -6.98
N VAL E 67 -13.10 -10.94 -6.52
CA VAL E 67 -13.85 -11.81 -7.41
C VAL E 67 -15.35 -11.57 -7.19
N ILE E 68 -16.05 -11.17 -8.24
CA ILE E 68 -17.48 -10.90 -8.15
C ILE E 68 -18.28 -12.05 -8.77
N ASN E 69 -19.08 -12.72 -7.96
CA ASN E 69 -19.90 -13.83 -8.42
C ASN E 69 -21.35 -13.42 -8.65
N ALA E 70 -22.08 -14.28 -9.34
CA ALA E 70 -23.48 -14.08 -9.66
C ALA E 70 -24.27 -13.81 -8.40
N GLY E 71 -24.99 -12.69 -8.39
CA GLY E 71 -25.75 -12.35 -7.21
C GLY E 71 -25.00 -11.36 -6.36
N GLN E 72 -23.88 -10.84 -6.88
CA GLN E 72 -23.12 -9.86 -6.09
C GLN E 72 -22.78 -8.65 -6.96
N PHE E 73 -22.41 -7.57 -6.31
CA PHE E 73 -22.03 -6.37 -7.04
C PHE E 73 -20.92 -5.69 -6.28
N ALA E 74 -20.10 -4.93 -6.97
CA ALA E 74 -19.01 -4.23 -6.33
C ALA E 74 -19.15 -2.77 -6.72
N THR E 75 -18.71 -1.88 -5.85
CA THR E 75 -18.77 -0.45 -6.08
C THR E 75 -17.40 0.09 -6.46
N SER E 76 -17.40 1.10 -7.31
CA SER E 76 -16.15 1.71 -7.73
C SER E 76 -16.26 3.19 -7.42
N PRO E 77 -15.48 3.68 -6.45
CA PRO E 77 -15.50 5.09 -6.07
C PRO E 77 -15.04 6.04 -7.16
N PRO E 78 -15.54 7.28 -7.15
CA PRO E 78 -15.17 8.31 -8.12
C PRO E 78 -13.69 8.37 -8.46
N GLN E 79 -13.41 8.42 -9.76
CA GLN E 79 -12.06 8.53 -10.26
C GLN E 79 -11.09 7.41 -9.95
N TYR E 80 -11.51 6.42 -9.18
CA TYR E 80 -10.61 5.31 -8.85
C TYR E 80 -10.28 4.49 -10.09
N TRP E 81 -9.00 4.30 -10.39
CA TRP E 81 -8.62 3.52 -11.55
C TRP E 81 -8.73 2.02 -11.33
N HIS E 82 -9.15 1.31 -12.38
CA HIS E 82 -9.35 -0.13 -12.30
C HIS E 82 -9.65 -0.77 -13.65
N ARG E 83 -9.68 -2.09 -13.69
CA ARG E 83 -10.00 -2.84 -14.90
C ARG E 83 -10.67 -4.14 -14.46
N ILE E 84 -11.35 -4.81 -15.38
CA ILE E 84 -12.04 -6.05 -15.07
C ILE E 84 -11.72 -7.16 -16.05
N GLU E 85 -11.84 -8.40 -15.57
CA GLU E 85 -11.61 -9.59 -16.37
C GLU E 85 -12.85 -10.46 -16.22
N LEU E 86 -13.24 -11.13 -17.28
CA LEU E 86 -14.44 -11.97 -17.19
C LEU E 86 -14.16 -13.43 -17.50
N SER E 87 -15.01 -14.29 -16.97
CA SER E 87 -14.95 -15.72 -17.21
C SER E 87 -15.69 -15.86 -18.55
N ASP E 88 -15.60 -17.03 -19.17
CA ASP E 88 -16.27 -17.23 -20.45
C ASP E 88 -17.79 -17.03 -20.39
N ASP E 89 -18.42 -17.47 -19.30
CA ASP E 89 -19.87 -17.39 -19.14
C ASP E 89 -20.32 -16.19 -18.29
N ALA E 90 -19.51 -15.14 -18.26
CA ALA E 90 -19.81 -13.95 -17.47
C ALA E 90 -20.87 -13.04 -18.08
N GLN E 91 -21.83 -12.64 -17.26
CA GLN E 91 -22.87 -11.72 -17.69
C GLN E 91 -23.01 -10.70 -16.55
N PHE E 92 -22.79 -9.44 -16.87
CA PHE E 92 -22.89 -8.39 -15.85
C PHE E 92 -23.33 -7.10 -16.51
N ASN E 93 -23.57 -6.08 -15.70
CA ASN E 93 -23.93 -4.77 -16.19
C ASN E 93 -23.34 -3.75 -15.20
N ILE E 94 -23.40 -2.48 -15.54
CA ILE E 94 -22.89 -1.46 -14.65
C ILE E 94 -23.86 -0.31 -14.51
N ASN E 95 -24.13 0.10 -13.27
CA ASN E 95 -25.02 1.22 -13.02
C ASN E 95 -24.14 2.36 -12.52
N PHE E 96 -24.30 3.54 -13.09
CA PHE E 96 -23.53 4.70 -12.69
C PHE E 96 -24.33 5.63 -11.79
N TRP E 97 -23.82 5.85 -10.58
CA TRP E 97 -24.51 6.70 -9.63
C TRP E 97 -23.90 8.08 -9.55
N SER E 98 -24.74 9.08 -9.27
CA SER E 98 -24.26 10.45 -9.19
C SER E 98 -25.25 11.31 -8.42
N ASP E 99 -24.84 12.53 -8.12
CA ASP E 99 -25.68 13.47 -7.38
C ASP E 99 -26.49 14.32 -8.35
N ARG F 5 -16.25 -0.03 9.06
CA ARG F 5 -17.50 -0.72 9.49
C ARG F 5 -17.59 -0.85 11.02
N ILE F 6 -16.44 -0.75 11.68
CA ILE F 6 -16.39 -0.87 13.14
C ILE F 6 -17.23 0.24 13.78
N PRO F 7 -18.34 -0.15 14.46
CA PRO F 7 -19.25 0.77 15.13
C PRO F 7 -18.59 1.75 16.11
N LYS F 8 -19.14 2.97 16.19
CA LYS F 8 -18.60 4.02 17.04
C LYS F 8 -18.40 3.62 18.50
N ASN F 9 -19.29 2.76 18.99
CA ASN F 9 -19.27 2.32 20.37
C ASN F 9 -18.26 1.21 20.70
N TRP F 10 -17.56 0.71 19.70
CA TRP F 10 -16.59 -0.35 19.95
C TRP F 10 -15.22 0.17 20.40
N THR F 11 -14.61 -0.56 21.32
CA THR F 11 -13.32 -0.21 21.89
C THR F 11 -12.29 -1.34 21.72
N ILE F 12 -11.02 -0.97 21.66
CA ILE F 12 -9.94 -1.95 21.51
C ILE F 12 -9.80 -2.78 22.79
N GLN F 13 -10.06 -4.08 22.69
CA GLN F 13 -9.97 -4.97 23.85
C GLN F 13 -8.55 -5.51 24.03
N ARG F 14 -7.77 -5.51 22.97
CA ARG F 14 -6.39 -5.98 23.05
C ARG F 14 -5.57 -5.59 21.82
N SER F 15 -4.33 -5.20 22.07
CA SER F 15 -3.44 -4.85 20.97
C SER F 15 -2.21 -5.71 21.04
N THR F 16 -1.73 -6.07 19.86
CA THR F 16 -0.57 -6.91 19.71
C THR F 16 0.69 -6.05 19.59
N PRO F 17 1.84 -6.59 19.99
CA PRO F 17 3.07 -5.80 19.85
C PRO F 17 3.42 -5.80 18.36
N PHE F 18 4.52 -5.16 17.97
CA PHE F 18 4.92 -5.15 16.57
C PHE F 18 5.37 -6.52 16.10
N PHE F 19 4.95 -6.92 14.91
CA PHE F 19 5.36 -8.20 14.34
C PHE F 19 6.21 -7.87 13.11
N THR F 20 7.20 -8.71 12.83
CA THR F 20 8.07 -8.56 11.67
C THR F 20 8.25 -9.97 11.12
N LYS F 21 8.98 -10.11 10.02
CA LYS F 21 9.18 -11.43 9.44
C LYS F 21 9.93 -12.36 10.40
N ASP F 22 10.50 -11.78 11.45
CA ASP F 22 11.26 -12.54 12.46
C ASP F 22 10.41 -13.15 13.58
N ASN F 23 9.37 -12.45 14.02
CA ASN F 23 8.56 -12.98 15.11
C ASN F 23 7.07 -13.20 14.84
N VAL F 24 6.61 -12.93 13.61
CA VAL F 24 5.20 -13.12 13.30
C VAL F 24 4.71 -14.54 13.57
N PRO F 25 3.61 -14.68 14.30
CA PRO F 25 3.04 -15.99 14.61
C PRO F 25 2.72 -16.73 13.31
N GLU F 26 3.04 -18.02 13.24
CA GLU F 26 2.77 -18.80 12.04
C GLU F 26 1.27 -18.93 11.79
N ALA F 27 0.48 -18.66 12.82
CA ALA F 27 -0.97 -18.73 12.71
C ALA F 27 -1.54 -17.67 11.77
N LEU F 28 -0.82 -16.56 11.62
CA LEU F 28 -1.26 -15.47 10.75
C LEU F 28 -0.90 -15.71 9.29
N LEU F 29 0.10 -16.55 9.05
CA LEU F 29 0.54 -16.86 7.70
C LEU F 29 -0.41 -17.86 7.04
N THR F 30 -1.29 -18.47 7.83
CA THR F 30 -2.26 -19.42 7.32
C THR F 30 -3.67 -19.01 7.75
N HIS F 31 -4.67 -19.75 7.26
CA HIS F 31 -6.07 -19.49 7.56
C HIS F 31 -6.37 -19.20 9.03
N HIS F 32 -7.13 -18.15 9.29
CA HIS F 32 -7.53 -17.80 10.66
C HIS F 32 -8.57 -16.69 10.63
N ASN F 33 -9.34 -16.58 11.69
CA ASN F 33 -10.36 -15.56 11.75
C ASN F 33 -10.52 -15.04 13.18
N THR F 34 -11.17 -13.88 13.33
CA THR F 34 -11.39 -13.27 14.63
C THR F 34 -12.61 -13.90 15.31
N ALA F 35 -12.83 -13.56 16.58
CA ALA F 35 -13.94 -14.12 17.34
C ALA F 35 -15.29 -13.66 16.80
N VAL F 36 -16.36 -14.10 17.45
CA VAL F 36 -17.73 -13.78 17.06
C VAL F 36 -18.03 -12.29 16.93
N ASP F 37 -17.58 -11.49 17.90
CA ASP F 37 -17.83 -10.06 17.84
C ASP F 37 -16.53 -9.27 17.99
N VAL F 38 -15.51 -9.71 17.26
CA VAL F 38 -14.22 -9.05 17.31
C VAL F 38 -13.76 -8.62 15.92
N PHE F 39 -13.47 -7.33 15.79
CA PHE F 39 -12.98 -6.74 14.54
C PHE F 39 -11.47 -6.70 14.62
N GLY F 40 -10.82 -7.07 13.52
CA GLY F 40 -9.38 -7.07 13.48
C GLY F 40 -8.86 -5.91 12.66
N GLN F 41 -7.96 -5.12 13.23
CA GLN F 41 -7.42 -3.99 12.49
C GLN F 41 -5.92 -4.14 12.30
N ILE F 42 -5.52 -4.45 11.08
CA ILE F 42 -4.11 -4.62 10.75
C ILE F 42 -3.51 -3.27 10.36
N CYS F 43 -2.53 -2.78 11.13
CA CYS F 43 -1.87 -1.50 10.85
C CYS F 43 -0.44 -1.78 10.43
N VAL F 44 -0.01 -1.16 9.34
CA VAL F 44 1.34 -1.35 8.82
C VAL F 44 2.16 -0.08 8.96
N GLU F 46 5.78 -0.21 8.48
CA GLU F 46 6.87 -0.31 7.50
C GLU F 46 6.69 -1.50 6.56
N GLY F 47 7.12 -1.36 5.31
CA GLY F 47 6.99 -2.46 4.37
C GLY F 47 5.58 -2.65 3.84
N VAL F 48 5.26 -3.87 3.42
CA VAL F 48 3.93 -4.19 2.88
C VAL F 48 3.44 -5.54 3.38
N VAL F 49 2.17 -5.57 3.72
CA VAL F 49 1.51 -6.78 4.18
C VAL F 49 0.41 -7.07 3.15
N THR F 50 0.43 -8.28 2.56
CA THR F 50 -0.57 -8.68 1.58
C THR F 50 -1.66 -9.47 2.31
N TYR F 51 -2.90 -9.04 2.14
CA TYR F 51 -4.04 -9.66 2.78
C TYR F 51 -4.82 -10.57 1.82
N TYR F 52 -5.16 -11.76 2.29
CA TYR F 52 -5.90 -12.72 1.48
C TYR F 52 -7.17 -13.09 2.23
N GLY F 53 -8.32 -12.75 1.65
CA GLY F 53 -9.59 -13.08 2.27
C GLY F 53 -10.20 -14.28 1.59
N PHE F 54 -10.87 -15.13 2.36
CA PHE F 54 -11.51 -16.33 1.83
C PHE F 54 -13.01 -16.36 2.11
N ALA F 55 -13.76 -16.91 1.17
CA ALA F 55 -15.22 -17.02 1.30
C ALA F 55 -15.63 -17.73 2.58
N ASN F 56 -14.98 -18.83 2.88
CA ASN F 56 -15.27 -19.62 4.08
C ASN F 56 -14.03 -20.30 4.64
N SER F 57 -14.23 -21.09 5.69
CA SER F 57 -13.14 -21.80 6.36
C SER F 57 -12.43 -22.87 5.54
N GLU F 58 -13.14 -23.45 4.57
CA GLU F 58 -12.57 -24.52 3.76
C GLU F 58 -12.16 -24.12 2.35
N ALA F 59 -12.42 -22.88 1.96
CA ALA F 59 -12.06 -22.42 0.63
C ALA F 59 -10.55 -22.39 0.44
N THR F 60 -10.10 -22.60 -0.80
CA THR F 60 -8.69 -22.60 -1.09
C THR F 60 -8.24 -21.41 -1.93
N GLU F 61 -9.16 -20.86 -2.71
CA GLU F 61 -8.83 -19.72 -3.55
C GLU F 61 -9.28 -18.41 -2.90
N PRO F 62 -8.39 -17.41 -2.94
CA PRO F 62 -8.70 -16.10 -2.34
C PRO F 62 -9.79 -15.39 -3.13
N GLU F 63 -10.79 -14.86 -2.43
CA GLU F 63 -11.86 -14.14 -3.09
C GLU F 63 -11.51 -12.65 -3.01
N ILE F 64 -10.36 -12.35 -2.43
CA ILE F 64 -9.88 -10.97 -2.31
C ILE F 64 -8.41 -10.90 -1.89
N LYS F 65 -7.66 -10.05 -2.57
CA LYS F 65 -6.25 -9.84 -2.30
C LYS F 65 -6.04 -8.35 -2.09
N VAL F 66 -5.58 -7.96 -0.90
CA VAL F 66 -5.35 -6.55 -0.61
C VAL F 66 -3.90 -6.27 -0.21
N VAL F 67 -3.28 -5.29 -0.86
CA VAL F 67 -1.92 -4.91 -0.55
C VAL F 67 -1.99 -3.71 0.41
N ILE F 68 -1.43 -3.87 1.61
CA ILE F 68 -1.44 -2.83 2.61
C ILE F 68 -0.04 -2.25 2.81
N ASN F 69 0.11 -0.95 2.60
CA ASN F 69 1.43 -0.33 2.78
C ASN F 69 1.55 0.46 4.08
N ALA F 70 2.72 1.05 4.31
CA ALA F 70 2.95 1.85 5.51
C ALA F 70 2.01 3.05 5.59
N GLY F 71 1.40 3.24 6.75
CA GLY F 71 0.49 4.37 6.93
C GLY F 71 -0.95 4.01 6.64
N GLN F 72 -1.19 2.76 6.30
CA GLN F 72 -2.55 2.31 6.02
C GLN F 72 -2.87 1.13 6.94
N PHE F 73 -4.16 0.83 7.03
CA PHE F 73 -4.62 -0.28 7.85
C PHE F 73 -5.84 -0.90 7.18
N ALA F 74 -6.09 -2.18 7.47
CA ALA F 74 -7.24 -2.89 6.92
C ALA F 74 -8.01 -3.50 8.07
N THR F 75 -9.32 -3.69 7.87
CA THR F 75 -10.19 -4.25 8.90
C THR F 75 -10.74 -5.62 8.50
N SER F 76 -10.71 -6.54 9.45
CA SER F 76 -11.21 -7.90 9.20
C SER F 76 -12.50 -8.10 9.99
N PRO F 77 -13.61 -8.34 9.28
CA PRO F 77 -14.92 -8.54 9.90
C PRO F 77 -14.92 -9.74 10.85
N PRO F 78 -15.91 -9.80 11.75
CA PRO F 78 -15.96 -10.93 12.67
C PRO F 78 -16.05 -12.29 11.98
N GLN F 79 -15.24 -13.25 12.42
CA GLN F 79 -15.26 -14.61 11.87
C GLN F 79 -14.83 -14.77 10.41
N TYR F 80 -14.43 -13.68 9.77
CA TYR F 80 -14.00 -13.75 8.37
C TYR F 80 -12.61 -14.42 8.32
N TRP F 81 -12.44 -15.38 7.42
CA TRP F 81 -11.17 -16.10 7.29
C TRP F 81 -10.21 -15.39 6.36
N HIS F 82 -8.91 -15.46 6.70
CA HIS F 82 -7.91 -14.78 5.89
C HIS F 82 -6.50 -15.18 6.31
N ARG F 83 -5.52 -14.73 5.53
CA ARG F 83 -4.13 -14.99 5.83
C ARG F 83 -3.31 -13.80 5.35
N ILE F 84 -2.04 -13.75 5.72
CA ILE F 84 -1.21 -12.64 5.29
C ILE F 84 0.21 -13.05 4.91
N GLU F 85 0.81 -12.24 4.04
CA GLU F 85 2.17 -12.45 3.57
C GLU F 85 2.90 -11.16 3.88
N LEU F 86 4.14 -11.27 4.32
CA LEU F 86 4.87 -10.08 4.68
C LEU F 86 6.11 -9.86 3.79
N SER F 87 6.39 -8.59 3.50
CA SER F 87 7.57 -8.25 2.74
C SER F 87 8.67 -8.52 3.77
N ASP F 88 9.92 -8.56 3.33
CA ASP F 88 11.02 -8.83 4.23
C ASP F 88 11.20 -7.76 5.31
N ASP F 89 10.90 -6.52 4.96
CA ASP F 89 11.06 -5.40 5.88
C ASP F 89 9.75 -4.92 6.50
N ALA F 90 8.75 -5.80 6.57
CA ALA F 90 7.46 -5.41 7.13
C ALA F 90 7.43 -5.31 8.65
N GLN F 91 6.66 -4.34 9.15
CA GLN F 91 6.48 -4.12 10.57
C GLN F 91 5.03 -3.67 10.69
N PHE F 92 4.27 -4.41 11.50
CA PHE F 92 2.87 -4.13 11.69
C PHE F 92 2.37 -4.71 13.01
N ASN F 93 1.18 -4.30 13.40
CA ASN F 93 0.57 -4.80 14.60
C ASN F 93 -0.92 -4.94 14.34
N ILE F 94 -1.59 -5.71 15.19
CA ILE F 94 -3.01 -5.92 15.06
C ILE F 94 -3.76 -5.44 16.29
N ASN F 95 -4.80 -4.66 16.06
CA ASN F 95 -5.63 -4.17 17.15
C ASN F 95 -6.94 -4.95 17.07
N PHE F 96 -7.43 -5.44 18.21
CA PHE F 96 -8.67 -6.19 18.24
C PHE F 96 -9.79 -5.37 18.88
N TRP F 97 -10.80 -5.04 18.09
CA TRP F 97 -11.93 -4.25 18.55
C TRP F 97 -13.11 -5.13 18.92
N SER F 98 -13.86 -4.72 19.95
CA SER F 98 -15.02 -5.46 20.40
C SER F 98 -15.95 -4.56 21.19
N ASP F 99 -17.04 -5.15 21.67
CA ASP F 99 -18.00 -4.42 22.46
C ASP F 99 -18.26 -5.16 23.77
N SER G 2 -34.98 -18.98 -7.43
CA SER G 2 -33.78 -19.13 -8.31
C SER G 2 -32.74 -20.12 -7.79
N HIS G 3 -32.81 -21.36 -8.24
CA HIS G 3 -31.81 -22.35 -7.83
C HIS G 3 -30.56 -22.04 -8.66
N LEU G 4 -29.38 -22.24 -8.10
CA LEU G 4 -28.16 -21.96 -8.84
C LEU G 4 -27.96 -23.00 -9.94
N ARG G 5 -27.47 -22.56 -11.09
CA ARG G 5 -27.25 -23.46 -12.22
C ARG G 5 -25.92 -24.18 -12.13
N ILE G 6 -25.96 -25.48 -12.37
CA ILE G 6 -24.75 -26.26 -12.36
C ILE G 6 -24.21 -26.12 -13.78
N PRO G 7 -22.92 -25.75 -13.93
CA PRO G 7 -22.33 -25.58 -15.27
C PRO G 7 -22.49 -26.81 -16.19
N LYS G 8 -22.73 -26.57 -17.48
CA LYS G 8 -22.94 -27.64 -18.47
C LYS G 8 -21.83 -28.69 -18.56
N ASN G 9 -20.59 -28.33 -18.24
CA ASN G 9 -19.47 -29.27 -18.35
C ASN G 9 -19.40 -30.27 -17.21
N TRP G 10 -20.12 -30.02 -16.13
CA TRP G 10 -20.11 -30.91 -14.98
C TRP G 10 -20.81 -32.25 -15.28
N THR G 11 -20.48 -33.27 -14.49
CA THR G 11 -21.04 -34.60 -14.69
C THR G 11 -21.39 -35.25 -13.37
N ILE G 12 -22.34 -36.18 -13.38
CA ILE G 12 -22.72 -36.85 -12.16
C ILE G 12 -21.72 -37.96 -11.82
N GLN G 13 -21.18 -37.91 -10.60
CA GLN G 13 -20.21 -38.90 -10.15
C GLN G 13 -20.92 -40.03 -9.41
N ARG G 14 -21.88 -39.67 -8.58
CA ARG G 14 -22.61 -40.67 -7.79
C ARG G 14 -24.05 -40.21 -7.53
N SER G 15 -24.96 -41.18 -7.43
CA SER G 15 -26.36 -40.87 -7.17
C SER G 15 -26.86 -41.77 -6.05
N THR G 16 -27.70 -41.21 -5.19
CA THR G 16 -28.24 -41.97 -4.08
C THR G 16 -29.54 -42.64 -4.45
N PRO G 17 -29.89 -43.73 -3.76
CA PRO G 17 -31.15 -44.40 -4.07
C PRO G 17 -32.27 -43.53 -3.50
N PHE G 18 -33.52 -43.98 -3.63
CA PHE G 18 -34.62 -43.19 -3.08
C PHE G 18 -34.61 -43.25 -1.55
N PHE G 19 -35.04 -42.16 -0.92
CA PHE G 19 -35.11 -42.07 0.52
C PHE G 19 -36.50 -41.60 0.95
N THR G 20 -36.89 -41.98 2.17
CA THR G 20 -38.18 -41.61 2.75
C THR G 20 -37.93 -41.50 4.26
N LYS G 21 -38.86 -40.96 5.03
CA LYS G 21 -38.63 -40.83 6.47
C LYS G 21 -38.50 -42.21 7.11
N ASP G 22 -38.43 -43.24 6.27
CA ASP G 22 -38.33 -44.61 6.74
C ASP G 22 -36.89 -45.14 6.72
N ASN G 23 -36.07 -44.64 5.77
CA ASN G 23 -34.69 -45.11 5.67
C ASN G 23 -33.73 -44.03 5.22
N VAL G 24 -34.03 -42.77 5.55
CA VAL G 24 -33.15 -41.68 5.14
C VAL G 24 -31.94 -41.59 6.09
N PRO G 25 -30.73 -41.43 5.54
CA PRO G 25 -29.52 -41.34 6.35
C PRO G 25 -29.63 -40.12 7.26
N GLU G 26 -29.33 -40.30 8.53
CA GLU G 26 -29.41 -39.23 9.52
C GLU G 26 -28.49 -38.05 9.21
N ALA G 27 -27.48 -38.28 8.36
CA ALA G 27 -26.55 -37.22 7.99
C ALA G 27 -27.24 -36.08 7.25
N LEU G 28 -28.31 -36.37 6.51
CA LEU G 28 -29.02 -35.35 5.75
C LEU G 28 -29.96 -34.52 6.63
N LEU G 29 -30.37 -35.10 7.75
CA LEU G 29 -31.28 -34.38 8.64
C LEU G 29 -30.60 -33.34 9.50
N THR G 30 -29.26 -33.34 9.50
CA THR G 30 -28.53 -32.33 10.25
C THR G 30 -27.52 -31.67 9.33
N HIS G 31 -26.81 -30.69 9.86
CA HIS G 31 -25.82 -29.93 9.10
C HIS G 31 -24.80 -30.74 8.33
N HIS G 32 -24.72 -30.47 7.04
CA HIS G 32 -23.79 -31.13 6.15
C HIS G 32 -23.63 -30.29 4.90
N ASN G 33 -22.53 -30.48 4.20
CA ASN G 33 -22.25 -29.77 2.98
C ASN G 33 -21.66 -30.73 1.96
N THR G 34 -21.60 -30.31 0.70
CA THR G 34 -21.02 -31.17 -0.31
C THR G 34 -19.52 -30.86 -0.30
N ALA G 35 -18.71 -31.84 -0.65
CA ALA G 35 -17.25 -31.69 -0.70
C ALA G 35 -16.88 -30.65 -1.74
N VAL G 36 -15.59 -30.29 -1.77
CA VAL G 36 -15.07 -29.31 -2.71
C VAL G 36 -15.38 -29.78 -4.14
N ASP G 37 -15.72 -28.85 -5.03
CA ASP G 37 -16.00 -29.17 -6.41
C ASP G 37 -17.22 -30.08 -6.64
N VAL G 38 -18.04 -30.24 -5.61
CA VAL G 38 -19.21 -31.10 -5.72
C VAL G 38 -20.54 -30.35 -5.52
N PHE G 39 -21.34 -30.32 -6.58
CA PHE G 39 -22.65 -29.66 -6.57
C PHE G 39 -23.75 -30.69 -6.28
N GLY G 40 -24.56 -30.41 -5.27
CA GLY G 40 -25.64 -31.33 -4.95
C GLY G 40 -26.95 -31.01 -5.68
N GLN G 41 -27.70 -32.06 -6.02
CA GLN G 41 -28.98 -31.88 -6.69
C GLN G 41 -30.03 -32.78 -6.04
N ILE G 42 -31.01 -32.17 -5.38
CA ILE G 42 -32.06 -32.92 -4.69
C ILE G 42 -33.38 -33.02 -5.46
N CYS G 43 -33.66 -34.19 -6.04
CA CYS G 43 -34.88 -34.42 -6.80
C CYS G 43 -35.99 -35.03 -5.95
N VAL G 44 -37.10 -34.33 -5.84
CA VAL G 44 -38.22 -34.84 -5.05
C VAL G 44 -39.18 -35.57 -5.98
N GLU G 46 -41.69 -37.57 -4.78
CA GLU G 46 -42.99 -37.58 -4.14
C GLU G 46 -42.93 -36.80 -2.84
N GLY G 47 -44.08 -36.28 -2.42
CA GLY G 47 -44.13 -35.53 -1.17
C GLY G 47 -43.44 -34.18 -1.18
N VAL G 48 -42.97 -33.76 -0.02
CA VAL G 48 -42.29 -32.48 0.13
C VAL G 48 -41.01 -32.57 0.94
N VAL G 49 -39.98 -31.90 0.45
CA VAL G 49 -38.70 -31.85 1.13
C VAL G 49 -38.34 -30.40 1.37
N THR G 50 -38.15 -30.03 2.64
CA THR G 50 -37.81 -28.66 2.95
C THR G 50 -36.29 -28.51 3.10
N TYR G 51 -35.74 -27.49 2.46
CA TYR G 51 -34.31 -27.24 2.45
C TYR G 51 -33.92 -26.02 3.30
N TYR G 52 -32.94 -26.22 4.18
CA TYR G 52 -32.45 -25.14 5.06
C TYR G 52 -30.97 -24.88 4.80
N GLY G 53 -30.63 -23.66 4.43
CA GLY G 53 -29.24 -23.33 4.17
C GLY G 53 -28.64 -22.41 5.22
N PHE G 54 -27.33 -22.54 5.44
CA PHE G 54 -26.66 -21.70 6.44
C PHE G 54 -25.47 -20.96 5.85
N ALA G 55 -25.20 -19.78 6.40
CA ALA G 55 -24.09 -18.96 5.92
C ALA G 55 -22.72 -19.60 6.11
N ASN G 56 -22.61 -20.44 7.13
CA ASN G 56 -21.36 -21.14 7.43
C ASN G 56 -21.56 -22.30 8.37
N SER G 57 -20.46 -23.00 8.62
CA SER G 57 -20.45 -24.18 9.48
C SER G 57 -21.07 -24.00 10.86
N GLU G 58 -20.95 -22.81 11.43
CA GLU G 58 -21.50 -22.58 12.76
C GLU G 58 -22.73 -21.69 12.85
N ALA G 59 -23.32 -21.34 11.70
CA ALA G 59 -24.52 -20.51 11.70
C ALA G 59 -25.62 -21.33 12.34
N THR G 60 -26.39 -20.71 13.23
CA THR G 60 -27.46 -21.42 13.92
C THR G 60 -28.83 -21.25 13.29
N GLU G 61 -29.13 -20.04 12.82
CA GLU G 61 -30.40 -19.78 12.18
C GLU G 61 -30.20 -19.65 10.67
N PRO G 62 -31.06 -20.30 9.87
CA PRO G 62 -31.02 -20.34 8.41
C PRO G 62 -30.98 -18.97 7.71
N GLU G 63 -30.28 -18.92 6.58
CA GLU G 63 -30.21 -17.69 5.81
C GLU G 63 -31.08 -17.92 4.57
N ILE G 64 -31.54 -19.16 4.41
CA ILE G 64 -32.40 -19.51 3.29
C ILE G 64 -33.23 -20.74 3.57
N LYS G 65 -34.48 -20.68 3.13
CA LYS G 65 -35.41 -21.78 3.29
C LYS G 65 -36.09 -21.99 1.92
N VAL G 66 -36.07 -23.22 1.44
CA VAL G 66 -36.70 -23.55 0.16
C VAL G 66 -37.55 -24.82 0.32
N VAL G 67 -38.79 -24.77 -0.20
CA VAL G 67 -39.72 -25.90 -0.17
C VAL G 67 -39.66 -26.56 -1.54
N ILE G 68 -39.29 -27.83 -1.61
CA ILE G 68 -39.21 -28.52 -2.88
C ILE G 68 -40.32 -29.56 -2.98
N ASN G 69 -41.16 -29.43 -4.00
CA ASN G 69 -42.26 -30.36 -4.21
C ASN G 69 -41.92 -31.44 -5.24
N ALA G 70 -42.83 -32.40 -5.37
CA ALA G 70 -42.67 -33.50 -6.31
C ALA G 70 -42.53 -32.92 -7.74
N GLY G 71 -41.64 -33.49 -8.54
CA GLY G 71 -41.45 -32.98 -9.89
C GLY G 71 -40.43 -31.86 -9.93
N GLN G 72 -39.94 -31.43 -8.77
CA GLN G 72 -38.97 -30.35 -8.73
C GLN G 72 -37.64 -30.79 -8.12
N PHE G 73 -36.60 -30.00 -8.37
CA PHE G 73 -35.32 -30.31 -7.78
C PHE G 73 -34.63 -29.02 -7.34
N ALA G 74 -33.68 -29.13 -6.41
CA ALA G 74 -32.95 -27.95 -5.96
C ALA G 74 -31.47 -28.29 -5.93
N THR G 75 -30.63 -27.27 -6.01
CA THR G 75 -29.19 -27.48 -6.01
C THR G 75 -28.48 -26.81 -4.83
N SER G 76 -27.43 -27.45 -4.33
CA SER G 76 -26.66 -26.88 -3.23
C SER G 76 -25.22 -26.84 -3.70
N PRO G 77 -24.67 -25.63 -3.84
CA PRO G 77 -23.29 -25.39 -4.29
C PRO G 77 -22.24 -26.02 -3.37
N PRO G 78 -21.03 -26.23 -3.91
CA PRO G 78 -19.90 -26.82 -3.18
C PRO G 78 -19.61 -26.23 -1.79
N GLN G 79 -19.51 -27.10 -0.78
CA GLN G 79 -19.21 -26.69 0.60
C GLN G 79 -20.20 -25.81 1.32
N TYR G 80 -21.42 -25.70 0.77
CA TYR G 80 -22.46 -24.87 1.37
C TYR G 80 -23.22 -25.69 2.42
N TRP G 81 -23.19 -25.24 3.68
CA TRP G 81 -23.87 -25.96 4.76
C TRP G 81 -25.41 -25.89 4.74
N HIS G 82 -26.05 -27.04 4.90
CA HIS G 82 -27.51 -27.12 4.90
C HIS G 82 -28.02 -28.39 5.55
N ARG G 83 -29.33 -28.52 5.60
CA ARG G 83 -29.97 -29.73 6.13
C ARG G 83 -31.32 -29.81 5.44
N ILE G 84 -31.89 -31.01 5.38
CA ILE G 84 -33.18 -31.16 4.77
C ILE G 84 -34.13 -31.76 5.79
N GLU G 85 -35.41 -31.49 5.58
CA GLU G 85 -36.50 -31.96 6.42
C GLU G 85 -37.52 -32.63 5.48
N LEU G 86 -38.07 -33.76 5.91
CA LEU G 86 -39.01 -34.50 5.08
C LEU G 86 -40.46 -34.50 5.57
N SER G 87 -41.38 -34.66 4.62
CA SER G 87 -42.80 -34.73 4.93
C SER G 87 -43.02 -36.24 5.17
N ASP G 88 -44.20 -36.61 5.65
CA ASP G 88 -44.47 -38.02 5.91
C ASP G 88 -44.41 -38.93 4.67
N ASP G 89 -44.83 -38.43 3.52
CA ASP G 89 -44.82 -39.22 2.29
C ASP G 89 -43.77 -38.74 1.29
N ALA G 90 -42.67 -38.18 1.79
CA ALA G 90 -41.62 -37.67 0.93
C ALA G 90 -40.70 -38.76 0.37
N GLN G 91 -40.52 -38.74 -0.94
CA GLN G 91 -39.63 -39.68 -1.61
C GLN G 91 -38.65 -38.89 -2.47
N PHE G 92 -37.36 -39.00 -2.20
CA PHE G 92 -36.36 -38.25 -2.97
C PHE G 92 -35.01 -38.96 -3.11
N ASN G 93 -34.14 -38.34 -3.89
CA ASN G 93 -32.79 -38.87 -4.07
C ASN G 93 -31.88 -37.68 -4.29
N ILE G 94 -30.59 -37.95 -4.44
CA ILE G 94 -29.62 -36.89 -4.65
C ILE G 94 -28.58 -37.30 -5.66
N ASN G 95 -28.26 -36.36 -6.56
CA ASN G 95 -27.24 -36.59 -7.56
C ASN G 95 -26.11 -35.64 -7.19
N PHE G 96 -24.89 -36.14 -7.26
CA PHE G 96 -23.69 -35.37 -6.95
C PHE G 96 -22.91 -35.14 -8.24
N TRP G 97 -22.87 -33.88 -8.66
CA TRP G 97 -22.17 -33.49 -9.87
C TRP G 97 -20.79 -32.97 -9.52
N SER G 98 -19.91 -32.94 -10.51
CA SER G 98 -18.57 -32.43 -10.32
C SER G 98 -17.90 -32.18 -11.67
N ASP G 99 -17.02 -31.17 -11.72
CA ASP G 99 -16.32 -30.87 -12.97
C ASP G 99 -14.94 -31.54 -12.92
N GLN G 100 -14.79 -32.43 -11.93
CA GLN G 100 -13.55 -33.15 -11.71
C GLN G 100 -13.91 -34.59 -11.37
N ASP G 101 -12.98 -35.51 -11.62
CA ASP G 101 -13.20 -36.91 -11.29
C ASP G 101 -13.18 -36.97 -9.76
N LYS G 102 -14.21 -37.57 -9.20
CA LYS G 102 -14.34 -37.68 -7.76
C LYS G 102 -14.33 -39.11 -7.24
N SER G 103 -14.09 -40.06 -8.14
CA SER G 103 -14.06 -41.47 -7.77
C SER G 103 -13.16 -41.74 -6.57
N GLY G 104 -13.70 -42.45 -5.58
CA GLY G 104 -12.94 -42.78 -4.40
C GLY G 104 -13.04 -41.75 -3.29
N LYS G 105 -13.10 -40.47 -3.67
CA LYS G 105 -13.17 -39.39 -2.69
C LYS G 105 -14.55 -39.22 -2.06
N LYS G 106 -14.60 -38.35 -1.05
CA LYS G 106 -15.83 -38.05 -0.31
C LYS G 106 -16.76 -37.11 -1.08
N PHE G 108 -19.71 -35.79 0.54
CA PHE G 108 -20.24 -34.86 1.53
C PHE G 108 -19.55 -34.97 2.88
N ASN G 109 -19.63 -33.89 3.66
CA ASN G 109 -19.04 -33.81 4.99
C ASN G 109 -20.16 -33.60 6.01
N THR G 110 -19.99 -34.13 7.22
CA THR G 110 -20.99 -33.98 8.25
C THR G 110 -20.41 -33.23 9.44
N LYS G 111 -21.26 -32.96 10.44
CA LYS G 111 -20.83 -32.27 11.65
C LYS G 111 -20.16 -30.95 11.33
N HIS H 3 -39.46 -18.19 -17.76
CA HIS H 3 -37.97 -18.19 -17.77
C HIS H 3 -37.44 -17.55 -16.48
N LEU H 4 -36.53 -18.26 -15.81
CA LEU H 4 -35.95 -17.77 -14.55
C LEU H 4 -34.93 -16.64 -14.68
N ARG H 5 -34.07 -16.70 -15.68
CA ARG H 5 -33.03 -15.68 -15.86
C ARG H 5 -33.39 -14.53 -16.79
N ILE H 6 -32.68 -13.41 -16.62
CA ILE H 6 -32.90 -12.23 -17.44
C ILE H 6 -32.11 -12.33 -18.74
N PRO H 7 -32.81 -12.33 -19.89
CA PRO H 7 -32.14 -12.43 -21.19
C PRO H 7 -31.09 -11.34 -21.32
N LYS H 8 -29.97 -11.66 -21.95
CA LYS H 8 -28.88 -10.71 -22.11
C LYS H 8 -29.17 -9.49 -22.99
N ASN H 9 -30.26 -9.53 -23.76
CA ASN H 9 -30.58 -8.41 -24.63
C ASN H 9 -31.60 -7.44 -23.98
N TRP H 10 -32.01 -7.73 -22.75
CA TRP H 10 -32.94 -6.86 -22.03
C TRP H 10 -32.15 -5.74 -21.35
N THR H 11 -32.83 -4.68 -20.93
CA THR H 11 -32.17 -3.56 -20.26
C THR H 11 -33.03 -3.00 -19.13
N ILE H 12 -32.47 -2.09 -18.35
CA ILE H 12 -33.22 -1.47 -17.25
C ILE H 12 -34.13 -0.39 -17.79
N GLN H 13 -35.42 -0.52 -17.54
CA GLN H 13 -36.36 0.49 -18.04
C GLN H 13 -36.52 1.57 -16.97
N ARG H 14 -36.55 1.14 -15.72
CA ARG H 14 -36.70 2.09 -14.62
C ARG H 14 -35.88 1.68 -13.39
N SER H 15 -35.09 2.61 -12.87
CA SER H 15 -34.31 2.36 -11.65
C SER H 15 -34.92 3.18 -10.52
N THR H 16 -35.23 2.50 -9.43
CA THR H 16 -35.79 3.14 -8.24
C THR H 16 -34.63 3.82 -7.49
N PRO H 17 -34.93 4.84 -6.67
CA PRO H 17 -33.84 5.51 -5.91
C PRO H 17 -33.62 4.77 -4.59
N PHE H 18 -32.57 5.10 -3.84
CA PHE H 18 -32.35 4.41 -2.57
C PHE H 18 -33.51 4.57 -1.61
N PHE H 19 -33.95 3.45 -1.03
CA PHE H 19 -35.03 3.47 -0.04
C PHE H 19 -34.52 2.93 1.30
N THR H 20 -35.14 3.39 2.37
CA THR H 20 -34.80 2.94 3.71
C THR H 20 -36.14 2.72 4.43
N LYS H 21 -36.08 2.21 5.65
CA LYS H 21 -37.31 1.95 6.39
C LYS H 21 -38.12 3.22 6.61
N ASP H 22 -37.49 4.38 6.44
CA ASP H 22 -38.18 5.64 6.68
C ASP H 22 -38.88 6.26 5.48
N ASN H 23 -38.34 6.04 4.29
CA ASN H 23 -38.96 6.62 3.10
C ASN H 23 -39.35 5.58 2.06
N VAL H 24 -39.54 4.33 2.48
CA VAL H 24 -39.92 3.31 1.52
C VAL H 24 -41.42 3.20 1.30
N PRO H 25 -41.86 3.26 0.03
CA PRO H 25 -43.29 3.16 -0.28
C PRO H 25 -43.79 1.76 0.14
N GLU H 26 -44.89 1.71 0.89
CA GLU H 26 -45.44 0.44 1.36
C GLU H 26 -45.76 -0.54 0.24
N ALA H 27 -45.87 -0.02 -0.99
CA ALA H 27 -46.17 -0.84 -2.16
C ALA H 27 -45.03 -1.80 -2.48
N LEU H 28 -43.79 -1.33 -2.35
CA LEU H 28 -42.64 -2.18 -2.62
C LEU H 28 -42.49 -3.27 -1.54
N LEU H 29 -43.09 -3.06 -0.39
CA LEU H 29 -42.98 -4.02 0.70
C LEU H 29 -44.13 -5.01 0.81
N THR H 30 -45.19 -4.77 0.06
CA THR H 30 -46.33 -5.65 0.13
C THR H 30 -46.27 -6.85 -0.82
N HIS H 31 -47.04 -7.87 -0.45
CA HIS H 31 -47.18 -9.10 -1.21
C HIS H 31 -47.72 -8.71 -2.59
N HIS H 32 -46.88 -8.83 -3.61
CA HIS H 32 -47.28 -8.45 -4.97
C HIS H 32 -46.38 -9.09 -6.05
N ASN H 33 -46.60 -8.73 -7.31
CA ASN H 33 -45.80 -9.27 -8.40
C ASN H 33 -45.55 -8.19 -9.44
N THR H 34 -44.55 -8.42 -10.29
CA THR H 34 -44.21 -7.46 -11.34
C THR H 34 -45.05 -7.73 -12.58
N ALA H 35 -44.87 -6.86 -13.57
CA ALA H 35 -45.57 -6.97 -14.84
C ALA H 35 -45.23 -8.28 -15.54
N VAL H 36 -46.06 -8.65 -16.51
CA VAL H 36 -45.90 -9.89 -17.26
C VAL H 36 -44.55 -10.03 -17.97
N ASP H 37 -43.88 -8.91 -18.22
CA ASP H 37 -42.59 -8.97 -18.90
C ASP H 37 -41.56 -8.10 -18.20
N VAL H 38 -41.56 -8.12 -16.88
CA VAL H 38 -40.62 -7.31 -16.14
C VAL H 38 -39.92 -8.06 -15.01
N PHE H 39 -38.61 -7.91 -14.98
CA PHE H 39 -37.76 -8.53 -13.97
C PHE H 39 -37.45 -7.48 -12.91
N GLY H 40 -37.52 -7.88 -11.65
CA GLY H 40 -37.23 -6.96 -10.56
C GLY H 40 -35.92 -7.37 -9.89
N GLN H 41 -34.95 -6.48 -9.90
CA GLN H 41 -33.67 -6.79 -9.28
C GLN H 41 -33.48 -5.93 -8.03
N ILE H 42 -33.72 -6.54 -6.87
CA ILE H 42 -33.57 -5.86 -5.58
C ILE H 42 -32.10 -5.88 -5.17
N CYS H 43 -31.47 -4.71 -5.12
CA CYS H 43 -30.06 -4.59 -4.72
C CYS H 43 -29.97 -3.98 -3.32
N VAL H 44 -29.22 -4.63 -2.43
CA VAL H 44 -29.06 -4.17 -1.06
C VAL H 44 -27.68 -3.53 -0.91
N GLU H 46 -26.92 -1.90 2.12
CA GLU H 46 -26.61 -2.06 3.53
C GLU H 46 -27.80 -2.65 4.26
N GLY H 47 -27.57 -3.15 5.45
CA GLY H 47 -28.66 -3.75 6.20
C GLY H 47 -29.05 -5.08 5.57
N VAL H 48 -30.22 -5.57 5.94
CA VAL H 48 -30.70 -6.85 5.45
C VAL H 48 -32.16 -6.78 4.95
N VAL H 49 -32.41 -7.43 3.82
CA VAL H 49 -33.74 -7.49 3.23
C VAL H 49 -34.18 -8.95 3.21
N THR H 50 -35.27 -9.30 3.89
CA THR H 50 -35.73 -10.68 3.86
C THR H 50 -36.80 -10.80 2.76
N TYR H 51 -36.52 -11.68 1.81
CA TYR H 51 -37.36 -11.90 0.66
C TYR H 51 -38.24 -13.13 0.82
N TYR H 52 -39.51 -13.01 0.45
CA TYR H 52 -40.43 -14.14 0.53
C TYR H 52 -40.98 -14.39 -0.86
N GLY H 53 -40.97 -15.64 -1.29
CA GLY H 53 -41.47 -15.98 -2.61
C GLY H 53 -42.63 -16.93 -2.49
N PHE H 54 -43.63 -16.74 -3.36
CA PHE H 54 -44.81 -17.60 -3.33
C PHE H 54 -45.03 -18.29 -4.68
N ALA H 55 -45.43 -19.55 -4.61
CA ALA H 55 -45.66 -20.35 -5.82
C ALA H 55 -46.71 -19.72 -6.74
N ASN H 56 -47.77 -19.17 -6.17
CA ASN H 56 -48.83 -18.55 -6.95
C ASN H 56 -49.69 -17.57 -6.13
N SER H 57 -50.47 -16.76 -6.84
CA SER H 57 -51.37 -15.75 -6.24
C SER H 57 -52.14 -16.16 -4.99
N GLU H 58 -52.51 -17.42 -4.88
CA GLU H 58 -53.28 -17.85 -3.72
C GLU H 58 -52.46 -18.43 -2.59
N ALA H 59 -51.19 -18.73 -2.84
CA ALA H 59 -50.35 -19.30 -1.79
C ALA H 59 -50.21 -18.33 -0.62
N THR H 60 -50.53 -18.80 0.58
CA THR H 60 -50.41 -17.97 1.75
C THR H 60 -49.07 -18.20 2.46
N GLU H 61 -48.38 -19.27 2.07
CA GLU H 61 -47.07 -19.59 2.65
C GLU H 61 -45.97 -19.52 1.60
N PRO H 62 -44.82 -18.94 1.97
CA PRO H 62 -43.71 -18.85 1.01
C PRO H 62 -43.10 -20.20 0.62
N GLU H 63 -42.66 -20.30 -0.63
CA GLU H 63 -42.02 -21.52 -1.11
C GLU H 63 -40.51 -21.26 -1.00
N ILE H 64 -40.18 -20.00 -0.77
CA ILE H 64 -38.79 -19.60 -0.58
C ILE H 64 -38.65 -18.37 0.34
N LYS H 65 -37.74 -18.49 1.30
CA LYS H 65 -37.47 -17.42 2.25
C LYS H 65 -35.97 -17.18 2.23
N VAL H 66 -35.55 -16.02 1.73
CA VAL H 66 -34.11 -15.73 1.67
C VAL H 66 -33.65 -14.38 2.21
N VAL H 67 -32.47 -14.39 2.84
CA VAL H 67 -31.87 -13.18 3.38
C VAL H 67 -30.90 -12.60 2.35
N ILE H 68 -31.04 -11.31 2.06
CA ILE H 68 -30.17 -10.63 1.10
C ILE H 68 -29.37 -9.55 1.84
N ASN H 69 -28.03 -9.66 1.84
CA ASN H 69 -27.19 -8.67 2.53
C ASN H 69 -26.58 -7.66 1.59
N ALA H 70 -25.82 -6.73 2.17
CA ALA H 70 -25.16 -5.69 1.39
C ALA H 70 -24.21 -6.33 0.40
N GLY H 71 -24.17 -5.80 -0.81
CA GLY H 71 -23.30 -6.37 -1.81
C GLY H 71 -23.97 -7.50 -2.59
N GLN H 72 -25.18 -7.88 -2.20
CA GLN H 72 -25.89 -8.94 -2.91
C GLN H 72 -27.18 -8.40 -3.49
N PHE H 73 -27.76 -9.16 -4.41
CA PHE H 73 -29.03 -8.77 -5.00
C PHE H 73 -29.86 -10.02 -5.32
N ALA H 74 -31.17 -9.85 -5.44
CA ALA H 74 -32.06 -10.95 -5.77
C ALA H 74 -32.99 -10.49 -6.89
N THR H 75 -33.25 -11.38 -7.84
CA THR H 75 -34.12 -10.99 -8.93
C THR H 75 -35.43 -11.71 -8.94
N SER H 76 -36.53 -10.96 -9.06
CA SER H 76 -37.86 -11.56 -9.12
C SER H 76 -38.27 -11.68 -10.58
N PRO H 77 -38.59 -12.91 -11.03
CA PRO H 77 -39.01 -13.17 -12.42
C PRO H 77 -40.41 -12.61 -12.67
N PRO H 78 -40.72 -12.27 -13.94
CA PRO H 78 -42.02 -11.73 -14.35
C PRO H 78 -43.22 -12.41 -13.69
N GLN H 79 -44.13 -11.61 -13.11
CA GLN H 79 -45.35 -12.12 -12.48
C GLN H 79 -45.15 -12.99 -11.25
N TYR H 80 -43.91 -13.10 -10.81
CA TYR H 80 -43.63 -13.90 -9.63
C TYR H 80 -44.03 -13.11 -8.38
N TRP H 81 -44.91 -13.68 -7.58
CA TRP H 81 -45.38 -13.05 -6.38
C TRP H 81 -44.38 -13.16 -5.23
N HIS H 82 -44.05 -12.02 -4.63
CA HIS H 82 -43.10 -11.99 -3.52
C HIS H 82 -43.44 -10.89 -2.53
N ARG H 83 -42.77 -10.95 -1.39
CA ARG H 83 -42.95 -9.98 -0.31
C ARG H 83 -41.58 -9.70 0.30
N ILE H 84 -41.36 -8.46 0.72
CA ILE H 84 -40.11 -8.03 1.28
C ILE H 84 -40.22 -7.41 2.67
N GLU H 85 -39.24 -7.70 3.51
CA GLU H 85 -39.19 -7.15 4.86
C GLU H 85 -37.79 -6.55 5.04
N LEU H 86 -37.72 -5.39 5.69
CA LEU H 86 -36.47 -4.69 5.90
C LEU H 86 -35.94 -4.67 7.33
N SER H 87 -34.64 -4.44 7.45
CA SER H 87 -33.99 -4.32 8.77
C SER H 87 -33.97 -2.82 9.05
N ASP H 88 -33.84 -2.41 10.30
CA ASP H 88 -33.84 -0.98 10.63
C ASP H 88 -32.76 -0.20 9.90
N ASP H 89 -31.63 -0.84 9.61
CA ASP H 89 -30.53 -0.17 8.93
C ASP H 89 -30.47 -0.50 7.44
N ALA H 90 -31.51 -1.17 6.95
CA ALA H 90 -31.58 -1.58 5.55
C ALA H 90 -31.59 -0.41 4.56
N GLN H 91 -30.88 -0.59 3.46
CA GLN H 91 -30.86 0.42 2.40
C GLN H 91 -30.81 -0.39 1.11
N PHE H 92 -31.64 -0.01 0.14
CA PHE H 92 -31.67 -0.74 -1.12
C PHE H 92 -32.31 0.03 -2.25
N ASN H 93 -32.31 -0.59 -3.41
CA ASN H 93 -32.94 -0.02 -4.58
C ASN H 93 -33.35 -1.18 -5.50
N ILE H 94 -34.27 -0.91 -6.41
CA ILE H 94 -34.73 -1.94 -7.33
C ILE H 94 -34.58 -1.51 -8.77
N ASN H 95 -34.12 -2.44 -9.60
CA ASN H 95 -33.95 -2.20 -11.02
C ASN H 95 -34.93 -3.11 -11.75
N PHE H 96 -35.76 -2.51 -12.60
CA PHE H 96 -36.74 -3.29 -13.35
C PHE H 96 -36.21 -3.46 -14.77
N TRP H 97 -36.01 -4.73 -15.15
CA TRP H 97 -35.50 -5.08 -16.47
C TRP H 97 -36.64 -5.51 -17.39
N SER H 98 -36.54 -5.13 -18.66
CA SER H 98 -37.54 -5.51 -19.66
C SER H 98 -36.98 -5.47 -21.07
N ASP H 99 -37.78 -5.96 -22.02
CA ASP H 99 -37.42 -5.99 -23.44
C ASP H 99 -37.61 -4.58 -24.00
N GLN H 100 -36.51 -3.93 -24.35
CA GLN H 100 -36.53 -2.58 -24.89
C GLN H 100 -37.47 -2.44 -26.09
N ASP H 101 -37.50 -3.47 -26.94
CA ASP H 101 -38.34 -3.46 -28.12
C ASP H 101 -39.68 -4.16 -27.94
N LYS H 102 -40.08 -4.39 -26.69
CA LYS H 102 -41.36 -5.04 -26.41
C LYS H 102 -42.50 -4.24 -27.01
N SER H 103 -42.47 -2.93 -26.82
CA SER H 103 -43.51 -2.04 -27.34
C SER H 103 -43.62 -2.16 -28.85
N GLY H 104 -42.48 -2.25 -29.53
CA GLY H 104 -42.49 -2.37 -30.98
C GLY H 104 -43.05 -3.71 -31.41
N LYS H 105 -42.81 -4.74 -30.62
CA LYS H 105 -43.29 -6.09 -30.94
C LYS H 105 -44.81 -6.19 -30.84
N LYS H 106 -45.40 -5.42 -29.92
CA LYS H 106 -46.86 -5.41 -29.76
C LYS H 106 -47.48 -4.45 -30.76
#